data_6CQN
#
_entry.id   6CQN
#
_cell.length_a   75.317
_cell.length_b   205.792
_cell.length_c   70.229
_cell.angle_alpha   90.00
_cell.angle_beta   90.00
_cell.angle_gamma   90.00
#
_symmetry.space_group_name_H-M   'P 21 21 2'
#
loop_
_entity.id
_entity.type
_entity.pdbx_description
1 polymer 'HLA class II histocompatibility antigen, DR alpha chain'
2 polymer 'HLA class II histocompatibility antigen, DRB1-11 beta chain'
3 polymer 'Peptide from Capsid protein p24'
4 polymer 'F5 alpha chain'
5 polymer 'F5 beta chain'
6 non-polymer 2-acetamido-2-deoxy-beta-D-glucopyranose
7 non-polymer 'SULFATE ION'
8 non-polymer 'CHLORIDE ION'
9 non-polymer 'MAGNESIUM ION'
10 water water
#
loop_
_entity_poly.entity_id
_entity_poly.type
_entity_poly.pdbx_seq_one_letter_code
_entity_poly.pdbx_strand_id
1 'polypeptide(L)'
;IKEEHVIIQAEFYLNPDQSGEFMFDFDGDEIFHVDMAKKETVWRLEEFGRFASFEAQGALANIAVDKANLEIMTKRSNYT
PITNVPPEVTVLTNSPVELREPNVLICFIDKFTPPVVNVTWLRNGKPVTTGVSETVFLPREDHLFRKFHYLPFLPSTEDV
YDCRVEHWGLDEPLLKHWEFDT
;
A
2 'polypeptide(L)'
;GDTRPRFLEYSTSECHFFNGTERVRFLDRYFYNQEEYVRFDSDVGEFRAVTELGRPDEEYWNSQKDFLEDRRAAVDTYCR
HNYGVGESFTVQRRVHPKVTVYPSKTQPLQHHNLLVCSVSGFYPGSIEVRWFRNGQEEKTGVVSTGLIHNGDWTFQTLVM
LETVPRSGEVYTCQVEHPSVTSPLTVEWRA
;
B
3 'polypeptide(L)' RFYKTLRAEQASQ C
4 'polypeptide(L)'
;ILNVEQSPQSLHVQEGDSTNFTCSFPSSNFYALHWYRWETAKSPEALFVMTLNGDEKKKGRISATLNTKEGYSYLYIKGS
QPEDSATYLCAFKAAGNKLTFGGGTRVLVKPNIQNPDPAVYQLRDSKSSDKSVCLFTDFDSQTNVSQSKDSDVYITDKCV
LDMRSMDFKSNSAVAWSNKSDFACANAFNNSIIPEDTFFPSPESS
;
D
5 'polypeptide(L)'
;EPEVTQTPSHQVTQMGQEVILRCVPISNHLYFYWYRQILGQKVEFLVSFYNNEISEKSEIFDDQFSVERPDGSNFTLKIR
STKLEDSAMYFCASSGLAGGMDEQFFGPGTRLTVLEDLKNVFPPEVAVFEPSEAEISHTQKATLVCLATGFYPDHVELSW
WVNGKEVHSGVCTDPQPLKEQPALNDSRYALSSRLRVSATFWQNPRNHFRCQVQFYGLSENDEWTQDRAKPVTQIVSAEA
WGRAD
;
E
#
loop_
_chem_comp.id
_chem_comp.type
_chem_comp.name
_chem_comp.formula
CL non-polymer 'CHLORIDE ION' 'Cl -1'
MG non-polymer 'MAGNESIUM ION' 'Mg 2'
NAG D-saccharide, beta linking 2-acetamido-2-deoxy-beta-D-glucopyranose 'C8 H15 N O6'
SO4 non-polymer 'SULFATE ION' 'O4 S -2'
#
# COMPACT_ATOMS: atom_id res chain seq x y z
N GLU A 4 34.09 -3.76 -1.57
CA GLU A 4 33.20 -4.86 -1.93
C GLU A 4 32.32 -5.32 -0.78
N HIS A 5 30.99 -5.27 -1.00
CA HIS A 5 29.95 -5.62 -0.03
C HIS A 5 28.77 -6.24 -0.74
N VAL A 6 28.05 -7.10 -0.02
CA VAL A 6 26.87 -7.79 -0.55
C VAL A 6 25.74 -7.62 0.44
N ILE A 7 24.57 -7.19 -0.05
CA ILE A 7 23.33 -7.13 0.75
C ILE A 7 22.35 -8.10 0.15
N ILE A 8 21.85 -9.02 1.00
CA ILE A 8 20.91 -10.05 0.58
C ILE A 8 19.60 -9.98 1.38
N GLN A 9 18.46 -10.00 0.65
CA GLN A 9 17.12 -10.14 1.18
C GLN A 9 16.79 -11.60 0.85
N ALA A 10 16.78 -12.45 1.88
CA ALA A 10 16.49 -13.88 1.73
C ALA A 10 15.08 -14.22 2.29
N GLU A 11 14.27 -14.88 1.48
CA GLU A 11 12.93 -15.26 1.90
C GLU A 11 12.57 -16.67 1.46
N PHE A 12 11.87 -17.39 2.32
CA PHE A 12 11.44 -18.72 1.93
C PHE A 12 10.12 -19.08 2.53
N TYR A 13 9.49 -20.06 1.91
CA TYR A 13 8.29 -20.70 2.37
C TYR A 13 8.39 -22.22 2.14
N LEU A 14 8.03 -23.00 3.14
CA LEU A 14 8.15 -24.44 3.12
C LEU A 14 6.85 -25.19 3.39
N ASN A 15 6.56 -26.20 2.55
CA ASN A 15 5.40 -27.05 2.74
C ASN A 15 5.85 -28.49 3.02
N PRO A 16 5.11 -29.28 3.83
CA PRO A 16 3.85 -28.98 4.55
C PRO A 16 4.00 -28.26 5.90
N ASP A 17 5.24 -27.95 6.31
CA ASP A 17 5.57 -27.27 7.58
C ASP A 17 4.88 -25.90 7.80
N GLN A 18 4.49 -25.23 6.70
CA GLN A 18 3.88 -23.90 6.68
C GLN A 18 4.78 -22.90 7.41
N SER A 19 6.08 -23.05 7.18
CA SER A 19 7.11 -22.23 7.80
C SER A 19 7.70 -21.33 6.74
N GLY A 20 7.84 -20.07 7.10
CA GLY A 20 8.31 -19.01 6.25
C GLY A 20 9.34 -18.16 6.96
N GLU A 21 10.13 -17.45 6.16
CA GLU A 21 11.20 -16.63 6.71
C GLU A 21 11.56 -15.50 5.79
N PHE A 22 11.85 -14.35 6.38
CA PHE A 22 12.28 -13.14 5.68
C PHE A 22 13.42 -12.51 6.48
N MET A 23 14.57 -12.35 5.82
CA MET A 23 15.71 -11.76 6.49
C MET A 23 16.57 -10.88 5.62
N PHE A 24 17.29 -9.96 6.24
CA PHE A 24 18.29 -9.16 5.54
C PHE A 24 19.67 -9.57 6.01
N ASP A 25 20.55 -9.78 5.07
CA ASP A 25 21.92 -10.18 5.31
C ASP A 25 22.91 -9.14 4.80
N PHE A 26 23.89 -8.80 5.63
CA PHE A 26 25.00 -7.94 5.21
C PHE A 26 26.30 -8.71 5.40
N ASP A 27 26.97 -9.02 4.28
CA ASP A 27 28.27 -9.73 4.24
C ASP A 27 28.33 -10.99 5.10
N GLY A 28 27.28 -11.80 5.03
CA GLY A 28 27.14 -13.06 5.76
C GLY A 28 26.54 -12.95 7.14
N ASP A 29 26.30 -11.72 7.59
CA ASP A 29 25.69 -11.45 8.88
C ASP A 29 24.26 -10.97 8.70
N GLU A 30 23.41 -11.35 9.64
CA GLU A 30 22.01 -10.98 9.61
C GLU A 30 21.80 -9.56 10.15
N ILE A 31 20.98 -8.73 9.46
CA ILE A 31 20.64 -7.39 9.99
C ILE A 31 19.41 -7.56 10.85
N PHE A 32 18.36 -8.20 10.28
CA PHE A 32 17.07 -8.47 10.95
C PHE A 32 16.30 -9.58 10.22
N HIS A 33 15.23 -10.01 10.84
CA HIS A 33 14.32 -10.98 10.28
C HIS A 33 12.94 -10.62 10.78
N VAL A 34 11.94 -11.19 10.14
CA VAL A 34 10.58 -10.95 10.57
C VAL A 34 10.04 -12.20 11.21
N ASP A 35 9.60 -12.06 12.46
CA ASP A 35 9.01 -13.12 13.26
C ASP A 35 7.62 -13.35 12.68
N MET A 36 7.37 -14.56 12.15
CA MET A 36 6.08 -14.90 11.53
C MET A 36 4.93 -15.13 12.54
N ALA A 37 5.27 -15.34 13.83
CA ALA A 37 4.27 -15.51 14.87
C ALA A 37 3.84 -14.14 15.38
N LYS A 38 4.83 -13.32 15.83
CA LYS A 38 4.61 -11.98 16.36
C LYS A 38 4.38 -10.93 15.27
N LYS A 39 4.80 -11.23 14.02
CA LYS A 39 4.68 -10.34 12.84
C LYS A 39 5.41 -9.00 13.04
N GLU A 40 6.53 -9.05 13.79
CA GLU A 40 7.39 -7.91 14.11
C GLU A 40 8.79 -8.13 13.58
N THR A 41 9.54 -7.03 13.43
CA THR A 41 10.93 -7.04 13.02
C THR A 41 11.80 -7.37 14.21
N VAL A 42 12.65 -8.41 14.09
CA VAL A 42 13.59 -8.80 15.16
C VAL A 42 14.98 -8.40 14.67
N TRP A 43 15.59 -7.32 15.24
CA TRP A 43 16.94 -6.84 14.88
C TRP A 43 17.99 -7.76 15.49
N ARG A 44 19.05 -8.07 14.73
CA ARG A 44 20.11 -9.00 15.18
C ARG A 44 20.84 -8.47 16.39
N LEU A 45 21.22 -7.18 16.35
CA LEU A 45 21.80 -6.44 17.46
C LEU A 45 20.79 -5.35 17.78
N GLU A 46 20.41 -5.15 19.07
CA GLU A 46 19.40 -4.14 19.48
C GLU A 46 19.63 -2.75 18.89
N GLU A 47 20.89 -2.33 18.85
CA GLU A 47 21.35 -1.06 18.33
C GLU A 47 20.90 -0.74 16.89
N PHE A 48 20.76 -1.78 16.04
CA PHE A 48 20.33 -1.61 14.64
C PHE A 48 18.92 -1.04 14.54
N GLY A 49 18.07 -1.36 15.52
CA GLY A 49 16.71 -0.86 15.64
C GLY A 49 16.66 0.59 16.08
N ARG A 50 17.75 1.08 16.66
CA ARG A 50 17.89 2.46 17.05
C ARG A 50 18.42 3.25 15.86
N PHE A 51 19.25 2.64 14.98
CA PHE A 51 19.82 3.37 13.84
C PHE A 51 19.02 3.27 12.55
N ALA A 52 18.07 2.32 12.47
CA ALA A 52 17.31 2.06 11.25
C ALA A 52 15.92 1.59 11.55
N SER A 53 15.06 1.56 10.51
CA SER A 53 13.68 1.12 10.60
C SER A 53 13.33 0.15 9.48
N PHE A 54 12.25 -0.61 9.70
CA PHE A 54 11.69 -1.54 8.71
C PHE A 54 10.20 -1.72 8.92
N GLU A 55 9.42 -1.78 7.84
CA GLU A 55 7.99 -2.05 7.95
C GLU A 55 7.81 -3.56 7.76
N ALA A 56 7.50 -4.26 8.86
CA ALA A 56 7.32 -5.71 8.84
C ALA A 56 6.38 -6.15 7.72
N GLN A 57 5.32 -5.37 7.43
CA GLN A 57 4.35 -5.62 6.36
C GLN A 57 4.94 -5.97 4.98
N GLY A 58 5.98 -5.25 4.54
CA GLY A 58 6.64 -5.57 3.28
C GLY A 58 7.11 -7.02 3.23
N ALA A 59 7.66 -7.49 4.34
CA ALA A 59 8.09 -8.86 4.50
C ALA A 59 6.91 -9.83 4.53
N LEU A 60 5.79 -9.48 5.24
CA LEU A 60 4.60 -10.33 5.34
C LEU A 60 3.91 -10.49 3.99
N ALA A 61 3.84 -9.40 3.20
CA ALA A 61 3.32 -9.39 1.84
C ALA A 61 4.19 -10.32 0.94
N ASN A 62 5.53 -10.26 1.09
CA ASN A 62 6.44 -11.13 0.32
C ASN A 62 6.31 -12.59 0.70
N ILE A 63 6.12 -12.91 1.99
CA ILE A 63 5.91 -14.28 2.46
C ILE A 63 4.63 -14.83 1.89
N ALA A 64 3.56 -14.01 1.80
CA ALA A 64 2.26 -14.40 1.23
C ALA A 64 2.43 -14.84 -0.22
N VAL A 65 3.23 -14.10 -0.98
CA VAL A 65 3.53 -14.35 -2.38
C VAL A 65 4.36 -15.62 -2.55
N ASP A 66 5.37 -15.82 -1.69
CA ASP A 66 6.24 -17.00 -1.71
C ASP A 66 5.43 -18.25 -1.43
N LYS A 67 4.42 -18.12 -0.59
CA LYS A 67 3.48 -19.15 -0.20
C LYS A 67 2.64 -19.55 -1.45
N ALA A 68 2.16 -18.53 -2.20
CA ALA A 68 1.37 -18.69 -3.42
C ALA A 68 2.26 -19.26 -4.52
N ASN A 69 3.48 -18.72 -4.67
CA ASN A 69 4.46 -19.20 -5.63
C ASN A 69 4.85 -20.65 -5.36
N LEU A 70 4.95 -21.08 -4.06
CA LEU A 70 5.23 -22.48 -3.70
C LEU A 70 4.14 -23.40 -4.22
N GLU A 71 2.87 -23.02 -4.05
CA GLU A 71 1.72 -23.79 -4.54
C GLU A 71 1.77 -23.97 -6.07
N ILE A 72 2.17 -22.91 -6.79
CA ILE A 72 2.28 -22.89 -8.24
C ILE A 72 3.49 -23.70 -8.74
N MET A 73 4.63 -23.60 -8.05
CA MET A 73 5.86 -24.32 -8.44
C MET A 73 5.78 -25.82 -8.13
N THR A 74 5.05 -26.20 -7.06
CA THR A 74 4.86 -27.59 -6.68
C THR A 74 4.13 -28.29 -7.82
N LYS A 75 2.96 -27.76 -8.21
CA LYS A 75 2.11 -28.23 -9.30
C LYS A 75 2.91 -28.27 -10.62
N ARG A 76 3.64 -27.18 -10.92
CA ARG A 76 4.47 -27.03 -12.12
C ARG A 76 5.53 -28.09 -12.24
N SER A 77 6.19 -28.46 -11.13
CA SER A 77 7.27 -29.47 -11.11
C SER A 77 6.74 -30.90 -11.10
N ASN A 78 5.41 -31.05 -11.06
CA ASN A 78 4.71 -32.34 -10.98
C ASN A 78 4.99 -32.98 -9.63
N TYR A 79 4.92 -32.11 -8.61
CA TYR A 79 5.06 -32.44 -7.20
C TYR A 79 6.39 -33.09 -6.82
N THR A 80 7.48 -32.63 -7.45
CA THR A 80 8.85 -33.09 -7.19
C THR A 80 9.32 -32.64 -5.79
N PRO A 81 9.67 -33.56 -4.88
CA PRO A 81 10.06 -33.15 -3.53
C PRO A 81 11.52 -32.77 -3.45
N ILE A 82 11.89 -32.07 -2.36
CA ILE A 82 13.28 -31.67 -2.13
C ILE A 82 14.11 -32.88 -1.67
N THR A 83 15.37 -32.89 -2.09
CA THR A 83 16.36 -33.85 -1.68
C THR A 83 17.04 -33.24 -0.44
N ASN A 84 17.03 -33.99 0.67
CA ASN A 84 17.62 -33.59 1.94
C ASN A 84 19.13 -33.62 1.86
N VAL A 85 19.76 -32.53 2.30
CA VAL A 85 21.21 -32.41 2.36
C VAL A 85 21.52 -32.30 3.87
N PRO A 86 22.03 -33.38 4.53
CA PRO A 86 22.31 -33.29 5.98
C PRO A 86 23.33 -32.22 6.36
N PRO A 87 23.33 -31.72 7.60
CA PRO A 87 24.29 -30.68 7.95
C PRO A 87 25.61 -31.11 8.57
N GLU A 88 26.59 -30.22 8.50
CA GLU A 88 27.87 -30.36 9.20
C GLU A 88 27.64 -29.61 10.51
N VAL A 89 28.09 -30.20 11.63
CA VAL A 89 27.95 -29.54 12.93
C VAL A 89 29.33 -29.34 13.56
N THR A 90 29.57 -28.13 14.07
CA THR A 90 30.78 -27.71 14.75
C THR A 90 30.37 -27.07 16.05
N VAL A 91 31.07 -27.42 17.12
CA VAL A 91 30.87 -26.78 18.41
C VAL A 91 32.16 -26.06 18.71
N LEU A 92 32.07 -24.79 19.06
CA LEU A 92 33.23 -23.97 19.39
C LEU A 92 32.85 -22.95 20.46
N THR A 93 33.80 -22.15 20.92
CA THR A 93 33.56 -21.16 21.97
C THR A 93 33.75 -19.76 21.44
N ASN A 94 33.16 -18.77 22.14
CA ASN A 94 33.26 -17.35 21.78
C ASN A 94 34.70 -16.85 21.85
N SER A 95 35.37 -17.17 22.95
CA SER A 95 36.75 -16.76 23.20
C SER A 95 37.54 -17.96 23.72
N PRO A 96 38.90 -17.94 23.78
CA PRO A 96 39.62 -19.11 24.35
C PRO A 96 39.14 -19.41 25.77
N VAL A 97 38.92 -20.70 26.06
CA VAL A 97 38.37 -21.16 27.33
C VAL A 97 39.33 -21.07 28.55
N GLU A 98 38.79 -20.59 29.68
CA GLU A 98 39.49 -20.41 30.97
C GLU A 98 38.50 -20.78 32.07
N LEU A 99 38.86 -21.77 32.94
CA LEU A 99 38.00 -22.23 34.05
C LEU A 99 37.52 -21.06 34.89
N ARG A 100 36.20 -21.06 35.21
CA ARG A 100 35.52 -20.07 36.06
C ARG A 100 35.08 -18.75 35.39
N GLU A 101 35.76 -18.29 34.31
CA GLU A 101 35.40 -17.05 33.62
C GLU A 101 34.29 -17.30 32.58
N PRO A 102 33.15 -16.57 32.63
CA PRO A 102 32.04 -16.86 31.69
C PRO A 102 32.39 -16.85 30.22
N ASN A 103 31.81 -17.82 29.49
CA ASN A 103 32.02 -18.00 28.06
C ASN A 103 30.71 -18.42 27.39
N VAL A 104 30.75 -18.59 26.06
CA VAL A 104 29.58 -19.00 25.28
C VAL A 104 29.97 -20.14 24.35
N LEU A 105 29.15 -21.20 24.34
CA LEU A 105 29.28 -22.33 23.43
C LEU A 105 28.49 -21.95 22.19
N ILE A 106 29.17 -21.99 21.02
CA ILE A 106 28.54 -21.70 19.74
C ILE A 106 28.35 -23.00 18.98
N CYS A 107 27.13 -23.30 18.60
CA CYS A 107 26.88 -24.46 17.77
C CYS A 107 26.53 -24.01 16.37
N PHE A 108 27.43 -24.26 15.42
CA PHE A 108 27.26 -23.85 14.05
C PHE A 108 26.79 -25.02 13.18
N ILE A 109 25.56 -24.90 12.66
CA ILE A 109 24.91 -25.90 11.80
C ILE A 109 25.01 -25.36 10.36
N ASP A 110 25.62 -26.11 9.45
CA ASP A 110 25.94 -25.62 8.11
C ASP A 110 25.79 -26.61 6.97
N LYS A 111 25.57 -26.07 5.76
CA LYS A 111 25.46 -26.79 4.48
C LYS A 111 24.31 -27.81 4.44
N PHE A 112 23.12 -27.38 4.85
CA PHE A 112 21.93 -28.23 4.88
C PHE A 112 20.69 -27.63 4.18
N THR A 113 19.77 -28.52 3.79
CA THR A 113 18.47 -28.22 3.20
C THR A 113 17.52 -29.43 3.38
N PRO A 114 16.19 -29.27 3.64
CA PRO A 114 15.42 -28.03 3.83
C PRO A 114 15.86 -27.29 5.10
N PRO A 115 15.57 -25.99 5.20
CA PRO A 115 15.90 -25.25 6.44
C PRO A 115 14.94 -25.56 7.62
N VAL A 116 15.01 -26.80 8.12
CA VAL A 116 14.27 -27.29 9.29
C VAL A 116 15.26 -28.05 10.14
N VAL A 117 15.43 -27.65 11.38
CA VAL A 117 16.36 -28.35 12.24
C VAL A 117 15.91 -28.35 13.69
N ASN A 118 16.02 -29.49 14.40
CA ASN A 118 15.72 -29.57 15.83
C ASN A 118 17.09 -29.62 16.53
N VAL A 119 17.39 -28.56 17.30
CA VAL A 119 18.67 -28.40 17.97
C VAL A 119 18.44 -28.26 19.46
N THR A 120 19.13 -29.10 20.26
CA THR A 120 19.07 -29.05 21.74
C THR A 120 20.48 -29.12 22.32
N TRP A 121 20.69 -28.36 23.39
CA TRP A 121 21.94 -28.32 24.14
C TRP A 121 21.83 -29.28 25.30
N LEU A 122 22.80 -30.15 25.44
CA LEU A 122 22.87 -31.12 26.53
C LEU A 122 24.06 -30.81 27.45
N ARG A 123 23.84 -30.81 28.78
CA ARG A 123 24.91 -30.71 29.79
C ARG A 123 24.83 -32.01 30.57
N ASN A 124 25.91 -32.80 30.50
CA ASN A 124 26.01 -34.10 31.16
C ASN A 124 24.79 -34.94 30.81
N GLY A 125 24.48 -34.99 29.50
CA GLY A 125 23.37 -35.73 28.93
C GLY A 125 21.99 -35.13 29.08
N LYS A 126 21.80 -34.16 29.99
CA LYS A 126 20.50 -33.54 30.27
C LYS A 126 20.31 -32.24 29.49
N PRO A 127 19.07 -31.90 29.04
CA PRO A 127 18.88 -30.68 28.25
C PRO A 127 18.96 -29.35 28.98
N VAL A 128 19.54 -28.35 28.31
CA VAL A 128 19.71 -27.00 28.85
C VAL A 128 18.98 -26.01 27.96
N THR A 129 18.34 -25.00 28.60
CA THR A 129 17.62 -23.92 27.93
C THR A 129 17.93 -22.54 28.55
N THR A 130 18.81 -22.52 29.57
CA THR A 130 19.20 -21.33 30.31
C THR A 130 20.07 -20.38 29.49
N GLY A 131 19.55 -19.19 29.22
CA GLY A 131 20.25 -18.14 28.48
C GLY A 131 20.43 -18.40 26.99
N VAL A 132 19.90 -19.54 26.53
CA VAL A 132 19.91 -20.06 25.17
C VAL A 132 19.31 -19.10 24.12
N SER A 133 20.03 -18.93 23.00
CA SER A 133 19.58 -18.15 21.87
C SER A 133 19.95 -18.88 20.58
N GLU A 134 19.34 -18.48 19.49
CA GLU A 134 19.57 -19.04 18.18
C GLU A 134 19.39 -17.97 17.14
N THR A 135 19.86 -18.24 15.95
CA THR A 135 19.66 -17.36 14.81
C THR A 135 18.60 -18.04 13.98
N VAL A 136 18.19 -17.40 12.89
CA VAL A 136 17.28 -17.99 11.94
C VAL A 136 18.17 -18.68 10.87
N PHE A 137 17.54 -19.16 9.80
CA PHE A 137 18.24 -19.80 8.71
C PHE A 137 18.94 -18.76 7.84
N LEU A 138 20.26 -18.81 7.81
CA LEU A 138 21.07 -17.85 7.11
C LEU A 138 21.42 -18.31 5.70
N PRO A 139 21.47 -17.38 4.73
CA PRO A 139 21.75 -17.79 3.35
C PRO A 139 23.23 -18.14 3.10
N ARG A 140 23.48 -18.74 1.92
CA ARG A 140 24.81 -19.12 1.42
C ARG A 140 24.81 -19.00 -0.08
N GLU A 141 25.99 -18.77 -0.68
CA GLU A 141 26.18 -18.68 -2.13
C GLU A 141 25.75 -19.96 -2.85
N ASP A 142 25.88 -21.13 -2.18
CA ASP A 142 25.50 -22.44 -2.74
C ASP A 142 24.05 -22.78 -2.50
N HIS A 143 23.27 -21.82 -1.93
CA HIS A 143 21.83 -21.93 -1.63
C HIS A 143 21.44 -22.96 -0.59
N LEU A 144 22.42 -23.47 0.16
CA LEU A 144 22.15 -24.32 1.30
C LEU A 144 22.05 -23.37 2.49
N PHE A 145 21.68 -23.88 3.70
CA PHE A 145 21.50 -22.99 4.85
C PHE A 145 22.53 -23.08 5.97
N ARG A 146 22.55 -22.05 6.83
CA ARG A 146 23.41 -21.93 8.02
C ARG A 146 22.50 -21.63 9.22
N LYS A 147 22.93 -22.04 10.40
CA LYS A 147 22.24 -21.73 11.65
C LYS A 147 23.24 -21.75 12.82
N PHE A 148 23.05 -20.87 13.80
CA PHE A 148 23.88 -20.74 14.98
C PHE A 148 23.03 -20.85 16.24
N HIS A 149 23.48 -21.65 17.21
CA HIS A 149 22.85 -21.77 18.50
C HIS A 149 23.86 -21.40 19.57
N TYR A 150 23.38 -20.73 20.61
CA TYR A 150 24.27 -20.22 21.65
C TYR A 150 23.91 -20.69 23.03
N LEU A 151 24.93 -21.03 23.81
CA LEU A 151 24.76 -21.43 25.20
C LEU A 151 25.76 -20.67 26.09
N PRO A 152 25.30 -19.69 26.91
CA PRO A 152 26.23 -19.05 27.85
C PRO A 152 26.53 -20.08 28.95
N PHE A 153 27.79 -20.24 29.29
CA PHE A 153 28.15 -21.24 30.29
C PHE A 153 29.34 -20.80 31.12
N LEU A 154 29.57 -21.49 32.23
CA LEU A 154 30.71 -21.25 33.10
C LEU A 154 31.65 -22.45 32.97
N PRO A 155 32.82 -22.24 32.36
CA PRO A 155 33.76 -23.38 32.18
C PRO A 155 34.05 -24.12 33.48
N SER A 156 33.99 -25.47 33.42
CA SER A 156 34.16 -26.39 34.54
C SER A 156 34.80 -27.68 34.07
N THR A 157 35.47 -28.36 35.01
CA THR A 157 36.09 -29.66 34.78
C THR A 157 35.07 -30.75 35.07
N GLU A 158 34.02 -30.42 35.81
CA GLU A 158 32.96 -31.36 36.20
C GLU A 158 31.82 -31.48 35.14
N ASP A 159 31.85 -30.63 34.10
CA ASP A 159 30.82 -30.57 33.07
C ASP A 159 31.22 -30.93 31.64
N VAL A 160 30.36 -31.72 30.98
CA VAL A 160 30.44 -32.08 29.56
C VAL A 160 29.23 -31.52 28.84
N TYR A 161 29.46 -30.98 27.64
CA TYR A 161 28.39 -30.41 26.82
C TYR A 161 28.25 -31.09 25.49
N ASP A 162 27.04 -31.03 24.95
CA ASP A 162 26.70 -31.60 23.66
C ASP A 162 25.71 -30.76 22.92
N CYS A 163 25.78 -30.80 21.60
CA CYS A 163 24.81 -30.16 20.76
C CYS A 163 24.18 -31.23 19.91
N ARG A 164 22.90 -31.55 20.17
CA ARG A 164 22.15 -32.58 19.45
C ARG A 164 21.41 -31.91 18.31
N VAL A 165 21.70 -32.35 17.08
CA VAL A 165 21.14 -31.80 15.86
C VAL A 165 20.31 -32.87 15.18
N GLU A 166 19.09 -32.52 14.81
CA GLU A 166 18.16 -33.38 14.09
C GLU A 166 17.78 -32.71 12.78
N HIS A 167 18.06 -33.41 11.67
CA HIS A 167 17.71 -33.03 10.30
C HIS A 167 17.24 -34.29 9.56
N TRP A 168 16.24 -34.16 8.64
CA TRP A 168 15.69 -35.28 7.85
C TRP A 168 16.68 -36.01 6.95
N GLY A 169 17.82 -35.37 6.69
CA GLY A 169 18.90 -35.94 5.90
C GLY A 169 19.89 -36.75 6.72
N LEU A 170 19.72 -36.79 8.06
CA LEU A 170 20.57 -37.58 8.97
C LEU A 170 19.81 -38.87 9.38
N ASP A 171 20.50 -40.03 9.30
CA ASP A 171 19.93 -41.35 9.69
C ASP A 171 19.40 -41.35 11.14
N GLU A 172 20.17 -40.74 12.07
CA GLU A 172 19.87 -40.59 13.50
C GLU A 172 20.33 -39.18 13.97
N PRO A 173 20.02 -38.70 15.21
CA PRO A 173 20.47 -37.35 15.62
C PRO A 173 21.97 -37.22 15.80
N LEU A 174 22.57 -36.20 15.17
CA LEU A 174 23.99 -35.89 15.25
C LEU A 174 24.34 -35.19 16.59
N LEU A 175 25.33 -35.71 17.32
CA LEU A 175 25.80 -35.09 18.57
C LEU A 175 27.23 -34.56 18.42
N LYS A 176 27.44 -33.30 18.80
CA LYS A 176 28.76 -32.68 18.77
C LYS A 176 29.20 -32.38 20.20
N HIS A 177 30.24 -33.09 20.64
CA HIS A 177 30.78 -33.00 21.99
C HIS A 177 31.75 -31.85 22.22
N TRP A 178 31.71 -31.30 23.43
CA TRP A 178 32.64 -30.30 23.95
C TRP A 178 32.82 -30.55 25.43
N GLU A 179 34.07 -30.43 25.88
CA GLU A 179 34.52 -30.47 27.27
C GLU A 179 35.86 -29.77 27.36
N PHE A 180 36.17 -29.24 28.56
CA PHE A 180 37.39 -28.52 28.89
C PHE A 180 38.65 -29.39 28.67
N ASP A 181 39.74 -28.79 28.16
CA ASP A 181 41.02 -29.49 27.95
C ASP A 181 42.21 -28.54 28.11
N GLY B 1 13.41 -39.22 11.19
CA GLY B 1 12.17 -38.54 11.57
C GLY B 1 11.07 -38.64 10.54
N ASP B 2 10.20 -37.59 10.46
CA ASP B 2 9.07 -37.44 9.54
C ASP B 2 9.55 -37.65 8.09
N THR B 3 8.87 -38.54 7.33
CA THR B 3 9.29 -38.86 5.96
C THR B 3 8.48 -38.18 4.83
N ARG B 4 7.47 -37.37 5.20
CA ARG B 4 6.64 -36.65 4.22
C ARG B 4 7.51 -35.80 3.26
N PRO B 5 7.18 -35.78 1.94
CA PRO B 5 7.98 -34.95 1.01
C PRO B 5 7.94 -33.46 1.37
N ARG B 6 9.04 -32.74 1.08
CA ARG B 6 9.09 -31.30 1.33
C ARG B 6 9.22 -30.46 0.06
N PHE B 7 8.60 -29.28 0.09
CA PHE B 7 8.59 -28.36 -1.04
C PHE B 7 9.01 -27.01 -0.52
N LEU B 8 10.08 -26.49 -1.12
CA LEU B 8 10.73 -25.25 -0.73
C LEU B 8 10.74 -24.18 -1.83
N GLU B 9 10.17 -23.02 -1.52
CA GLU B 9 10.21 -21.86 -2.40
C GLU B 9 11.15 -20.85 -1.74
N TYR B 10 12.27 -20.52 -2.40
CA TYR B 10 13.25 -19.60 -1.85
C TYR B 10 13.57 -18.50 -2.83
N SER B 11 13.82 -17.29 -2.33
CA SER B 11 14.16 -16.15 -3.18
C SER B 11 15.20 -15.27 -2.55
N THR B 12 16.14 -14.79 -3.38
CA THR B 12 17.16 -13.88 -2.92
C THR B 12 17.16 -12.67 -3.76
N SER B 13 17.35 -11.51 -3.15
CA SER B 13 17.49 -10.26 -3.86
C SER B 13 18.87 -9.76 -3.39
N GLU B 14 19.85 -9.85 -4.30
CA GLU B 14 21.26 -9.54 -4.04
C GLU B 14 21.69 -8.20 -4.58
N CYS B 15 22.43 -7.47 -3.76
CA CYS B 15 23.02 -6.17 -4.07
C CYS B 15 24.52 -6.26 -3.89
N HIS B 16 25.26 -6.28 -5.00
CA HIS B 16 26.73 -6.37 -5.05
C HIS B 16 27.29 -5.00 -5.35
N PHE B 17 27.98 -4.44 -4.38
CA PHE B 17 28.57 -3.11 -4.44
C PHE B 17 30.07 -3.14 -4.71
N PHE B 18 30.49 -2.37 -5.71
CA PHE B 18 31.88 -2.20 -6.16
C PHE B 18 32.25 -0.72 -6.03
N ASN B 19 33.45 -0.43 -5.49
CA ASN B 19 33.98 0.94 -5.26
C ASN B 19 32.91 1.82 -4.62
N GLY B 20 32.59 1.54 -3.35
CA GLY B 20 31.51 2.21 -2.63
C GLY B 20 30.20 1.83 -3.30
N THR B 21 29.47 2.86 -3.80
CA THR B 21 28.23 2.63 -4.56
C THR B 21 28.38 2.99 -6.03
N GLU B 22 29.64 3.19 -6.51
CA GLU B 22 29.92 3.56 -7.90
C GLU B 22 29.46 2.57 -8.92
N ARG B 23 29.72 1.27 -8.66
CA ARG B 23 29.18 0.20 -9.48
C ARG B 23 28.34 -0.76 -8.62
N VAL B 24 27.10 -1.01 -9.04
CA VAL B 24 26.17 -1.91 -8.35
C VAL B 24 25.62 -2.93 -9.35
N ARG B 25 25.69 -4.22 -8.99
CA ARG B 25 25.11 -5.32 -9.76
C ARG B 25 24.00 -5.88 -8.89
N PHE B 26 22.77 -5.95 -9.44
CA PHE B 26 21.57 -6.41 -8.73
C PHE B 26 21.02 -7.69 -9.30
N LEU B 27 20.61 -8.61 -8.43
CA LEU B 27 20.09 -9.90 -8.83
C LEU B 27 18.89 -10.32 -8.02
N ASP B 28 17.77 -10.65 -8.69
CA ASP B 28 16.56 -11.17 -8.05
C ASP B 28 16.42 -12.63 -8.50
N ARG B 29 16.73 -13.57 -7.62
CA ARG B 29 16.79 -15.01 -7.95
C ARG B 29 15.75 -15.86 -7.28
N TYR B 30 15.19 -16.81 -8.04
CA TYR B 30 14.11 -17.69 -7.59
C TYR B 30 14.52 -19.15 -7.68
N PHE B 31 14.36 -19.84 -6.53
CA PHE B 31 14.74 -21.23 -6.34
C PHE B 31 13.56 -22.06 -5.93
N TYR B 32 13.47 -23.25 -6.49
CA TYR B 32 12.46 -24.24 -6.13
C TYR B 32 13.24 -25.52 -5.90
N ASN B 33 13.26 -25.99 -4.64
CA ASN B 33 13.97 -27.21 -4.21
C ASN B 33 15.45 -27.23 -4.54
N GLN B 34 16.13 -26.06 -4.37
CA GLN B 34 17.55 -25.82 -4.61
C GLN B 34 17.89 -25.41 -6.02
N GLU B 35 16.93 -25.57 -6.91
CA GLU B 35 17.10 -25.27 -8.32
C GLU B 35 16.69 -23.84 -8.67
N GLU B 36 17.66 -23.01 -9.10
CA GLU B 36 17.41 -21.66 -9.58
C GLU B 36 16.74 -21.78 -10.95
N TYR B 37 15.49 -21.30 -11.08
CA TYR B 37 14.72 -21.43 -12.32
C TYR B 37 14.58 -20.14 -13.14
N VAL B 38 14.57 -18.98 -12.48
CA VAL B 38 14.41 -17.70 -13.15
C VAL B 38 15.17 -16.64 -12.36
N ARG B 39 15.61 -15.59 -13.05
CA ARG B 39 16.34 -14.49 -12.43
C ARG B 39 16.26 -13.22 -13.24
N PHE B 40 16.51 -12.10 -12.56
CA PHE B 40 16.63 -10.77 -13.13
C PHE B 40 18.03 -10.33 -12.73
N ASP B 41 18.85 -10.00 -13.73
CA ASP B 41 20.20 -9.46 -13.58
C ASP B 41 20.12 -8.02 -14.12
N SER B 42 20.54 -7.02 -13.32
CA SER B 42 20.53 -5.62 -13.75
C SER B 42 21.38 -5.40 -15.03
N ASP B 43 22.44 -6.22 -15.23
CA ASP B 43 23.31 -6.21 -16.41
C ASP B 43 22.60 -6.81 -17.65
N VAL B 44 21.55 -7.59 -17.44
CA VAL B 44 20.74 -8.15 -18.53
C VAL B 44 19.59 -7.15 -18.80
N GLY B 45 19.00 -6.62 -17.73
CA GLY B 45 17.90 -5.68 -17.82
C GLY B 45 16.51 -6.28 -17.91
N GLU B 46 16.39 -7.62 -18.06
CA GLU B 46 15.10 -8.30 -18.11
C GLU B 46 15.17 -9.67 -17.44
N PHE B 47 14.00 -10.30 -17.17
CA PHE B 47 13.95 -11.64 -16.58
C PHE B 47 14.37 -12.70 -17.62
N ARG B 48 15.19 -13.66 -17.21
CA ARG B 48 15.66 -14.74 -18.07
C ARG B 48 15.53 -16.04 -17.33
N ALA B 49 14.89 -17.02 -17.98
CA ALA B 49 14.73 -18.35 -17.41
C ALA B 49 16.09 -18.98 -17.27
N VAL B 50 16.31 -19.62 -16.16
CA VAL B 50 17.55 -20.33 -15.91
C VAL B 50 17.28 -21.77 -16.40
N THR B 51 16.11 -22.33 -16.04
CA THR B 51 15.71 -23.66 -16.47
C THR B 51 14.35 -23.61 -17.20
N GLU B 52 13.82 -24.78 -17.59
CA GLU B 52 12.53 -24.88 -18.26
C GLU B 52 11.40 -24.49 -17.30
N LEU B 53 11.63 -24.73 -15.99
CA LEU B 53 10.72 -24.41 -14.90
C LEU B 53 10.46 -22.88 -14.83
N GLY B 54 11.48 -22.08 -15.16
CA GLY B 54 11.37 -20.64 -15.15
C GLY B 54 10.68 -19.99 -16.34
N ARG B 55 10.59 -20.71 -17.47
CA ARG B 55 10.02 -20.25 -18.74
C ARG B 55 8.69 -19.44 -18.64
N PRO B 56 7.60 -19.98 -18.04
CA PRO B 56 6.36 -19.18 -17.92
C PRO B 56 6.55 -17.84 -17.19
N ASP B 57 7.37 -17.81 -16.13
CA ASP B 57 7.65 -16.61 -15.34
C ASP B 57 8.42 -15.60 -16.13
N GLU B 58 9.40 -16.06 -16.94
CA GLU B 58 10.21 -15.20 -17.80
C GLU B 58 9.30 -14.38 -18.74
N GLU B 59 8.38 -15.05 -19.44
CA GLU B 59 7.50 -14.37 -20.38
C GLU B 59 6.41 -13.55 -19.68
N TYR B 60 5.87 -14.06 -18.56
CA TYR B 60 4.86 -13.38 -17.77
C TYR B 60 5.39 -12.13 -17.08
N TRP B 61 6.54 -12.23 -16.35
CA TRP B 61 7.11 -11.09 -15.61
C TRP B 61 7.69 -9.99 -16.49
N ASN B 62 8.13 -10.34 -17.70
CA ASN B 62 8.67 -9.37 -18.65
C ASN B 62 7.54 -8.64 -19.36
N SER B 63 6.34 -9.24 -19.33
CA SER B 63 5.13 -8.67 -19.92
C SER B 63 4.43 -7.71 -18.92
N GLN B 64 4.92 -7.68 -17.67
CA GLN B 64 4.38 -6.83 -16.61
C GLN B 64 5.32 -5.67 -16.43
N LYS B 65 5.07 -4.64 -17.21
CA LYS B 65 5.86 -3.43 -17.28
C LYS B 65 6.04 -2.68 -15.96
N ASP B 66 5.04 -2.70 -15.07
CA ASP B 66 5.15 -2.04 -13.77
C ASP B 66 6.13 -2.81 -12.87
N PHE B 67 6.07 -4.15 -12.92
CA PHE B 67 6.96 -5.04 -12.18
C PHE B 67 8.38 -5.05 -12.76
N LEU B 68 8.51 -5.15 -14.10
CA LEU B 68 9.79 -5.09 -14.79
C LEU B 68 10.52 -3.78 -14.52
N GLU B 69 9.77 -2.66 -14.43
CA GLU B 69 10.35 -1.34 -14.15
C GLU B 69 10.87 -1.15 -12.73
N ASP B 70 10.19 -1.75 -11.76
CA ASP B 70 10.60 -1.83 -10.35
C ASP B 70 12.00 -2.48 -10.29
N ARG B 71 12.21 -3.60 -11.02
CA ARG B 71 13.50 -4.29 -11.13
C ARG B 71 14.59 -3.46 -11.82
N ARG B 72 14.27 -2.74 -12.91
CA ARG B 72 15.25 -1.90 -13.63
C ARG B 72 15.71 -0.71 -12.81
N ALA B 73 14.89 -0.28 -11.83
CA ALA B 73 15.19 0.82 -10.93
C ALA B 73 15.83 0.37 -9.60
N ALA B 74 15.80 -0.95 -9.28
CA ALA B 74 16.32 -1.52 -8.02
C ALA B 74 17.72 -1.12 -7.62
N VAL B 75 18.65 -0.97 -8.60
CA VAL B 75 20.02 -0.52 -8.33
C VAL B 75 20.09 0.77 -7.52
N ASP B 76 19.07 1.64 -7.67
CA ASP B 76 19.01 2.91 -6.94
C ASP B 76 18.06 2.86 -5.77
N THR B 77 16.77 2.67 -6.07
CA THR B 77 15.65 2.69 -5.11
C THR B 77 15.77 1.64 -4.05
N TYR B 78 16.43 0.54 -4.39
CA TYR B 78 16.57 -0.56 -3.47
C TYR B 78 18.01 -0.74 -2.97
N CYS B 79 18.95 -1.05 -3.86
CA CYS B 79 20.36 -1.31 -3.52
C CYS B 79 21.04 -0.16 -2.80
N ARG B 80 21.24 0.97 -3.52
CA ARG B 80 21.88 2.19 -3.00
C ARG B 80 21.12 2.75 -1.83
N HIS B 81 19.77 2.73 -1.88
CA HIS B 81 18.97 3.20 -0.74
C HIS B 81 19.34 2.42 0.51
N ASN B 82 19.25 1.07 0.43
CA ASN B 82 19.53 0.22 1.57
C ASN B 82 20.97 0.29 2.08
N TYR B 83 21.92 0.52 1.14
CA TYR B 83 23.33 0.67 1.44
C TYR B 83 23.55 1.88 2.37
N GLY B 84 22.93 3.02 2.02
CA GLY B 84 22.97 4.25 2.80
C GLY B 84 22.29 4.17 4.14
N VAL B 85 21.17 3.43 4.25
CA VAL B 85 20.39 3.26 5.48
C VAL B 85 21.23 2.69 6.64
N GLY B 86 22.07 1.70 6.33
CA GLY B 86 22.89 1.05 7.35
C GLY B 86 24.39 1.31 7.35
N GLU B 87 24.90 2.06 6.35
CA GLU B 87 26.33 2.37 6.13
C GLU B 87 27.18 2.63 7.37
N SER B 88 26.65 3.40 8.33
CA SER B 88 27.37 3.76 9.54
C SER B 88 27.65 2.61 10.53
N PHE B 89 26.77 1.60 10.57
CA PHE B 89 26.91 0.46 11.50
C PHE B 89 27.13 -0.86 10.76
N THR B 90 27.42 -0.76 9.48
CA THR B 90 27.54 -1.89 8.59
C THR B 90 28.94 -1.84 7.90
N VAL B 91 29.10 -0.98 6.88
CA VAL B 91 30.34 -0.76 6.15
C VAL B 91 31.40 -0.14 7.08
N GLN B 92 30.93 0.67 8.08
CA GLN B 92 31.75 1.42 9.03
C GLN B 92 31.87 0.75 10.41
N ARG B 93 31.28 -0.45 10.57
CA ARG B 93 31.38 -1.19 11.83
C ARG B 93 32.84 -1.65 12.02
N ARG B 94 33.46 -1.24 13.15
CA ARG B 94 34.85 -1.54 13.48
C ARG B 94 34.91 -2.05 14.90
N VAL B 95 35.21 -3.35 15.05
CA VAL B 95 35.31 -3.96 16.36
C VAL B 95 36.73 -4.50 16.53
N HIS B 96 37.37 -4.02 17.58
CA HIS B 96 38.70 -4.29 18.13
C HIS B 96 38.92 -5.79 18.40
N PRO B 97 39.96 -6.41 17.78
CA PRO B 97 40.25 -7.82 18.07
C PRO B 97 40.94 -7.98 19.43
N LYS B 98 40.49 -8.96 20.24
CA LYS B 98 41.11 -9.28 21.53
C LYS B 98 42.19 -10.33 21.24
N VAL B 99 43.46 -10.03 21.59
CA VAL B 99 44.61 -10.91 21.30
C VAL B 99 45.24 -11.61 22.52
N THR B 100 45.32 -12.94 22.45
CA THR B 100 45.89 -13.82 23.48
C THR B 100 46.94 -14.70 22.81
N VAL B 101 48.09 -14.91 23.48
CA VAL B 101 49.18 -15.78 23.00
C VAL B 101 49.46 -16.82 24.10
N TYR B 102 49.33 -18.12 23.77
CA TYR B 102 49.52 -19.23 24.69
C TYR B 102 50.02 -20.54 24.06
N PRO B 103 50.80 -21.38 24.80
CA PRO B 103 51.17 -22.68 24.25
C PRO B 103 49.99 -23.64 24.42
N SER B 104 49.72 -24.50 23.42
CA SER B 104 48.58 -25.43 23.48
C SER B 104 48.76 -26.51 24.56
N LYS B 105 49.96 -27.13 24.59
CA LYS B 105 50.35 -28.19 25.53
C LYS B 105 51.40 -27.71 26.54
N THR B 106 51.49 -28.41 27.68
CA THR B 106 52.48 -28.17 28.75
C THR B 106 53.73 -29.05 28.46
N GLN B 107 54.34 -28.83 27.27
CA GLN B 107 55.51 -29.57 26.81
C GLN B 107 56.83 -28.88 27.22
N PRO B 108 57.84 -29.64 27.74
CA PRO B 108 59.10 -29.00 28.16
C PRO B 108 59.93 -28.37 27.03
N LEU B 109 60.91 -27.53 27.42
CA LEU B 109 61.85 -26.81 26.52
C LEU B 109 62.71 -27.77 25.67
N GLN B 110 63.21 -27.27 24.50
CA GLN B 110 64.03 -27.98 23.50
C GLN B 110 63.28 -29.08 22.71
N HIS B 111 62.00 -29.31 23.03
CA HIS B 111 61.11 -30.28 22.39
C HIS B 111 59.95 -29.52 21.70
N HIS B 112 59.18 -30.18 20.82
CA HIS B 112 58.11 -29.51 20.09
C HIS B 112 56.87 -29.16 20.90
N ASN B 113 56.18 -28.08 20.47
CA ASN B 113 54.91 -27.58 20.98
C ASN B 113 54.26 -26.61 19.98
N LEU B 114 52.99 -26.29 20.19
CA LEU B 114 52.24 -25.42 19.31
C LEU B 114 51.90 -24.12 20.02
N LEU B 115 52.44 -23.02 19.49
CA LEU B 115 52.20 -21.67 19.99
C LEU B 115 50.92 -21.13 19.37
N VAL B 116 49.91 -20.89 20.18
CA VAL B 116 48.59 -20.44 19.72
C VAL B 116 48.41 -18.95 19.83
N CYS B 117 48.01 -18.29 18.74
CA CYS B 117 47.63 -16.89 18.78
C CYS B 117 46.15 -16.79 18.52
N SER B 118 45.41 -16.43 19.56
CA SER B 118 43.97 -16.28 19.48
C SER B 118 43.55 -14.82 19.26
N VAL B 119 42.99 -14.53 18.08
CA VAL B 119 42.43 -13.21 17.73
C VAL B 119 40.91 -13.42 17.79
N SER B 120 40.20 -12.69 18.68
CA SER B 120 38.77 -12.90 18.81
C SER B 120 37.89 -11.67 18.98
N GLY B 121 36.61 -11.85 18.61
CA GLY B 121 35.55 -10.86 18.69
C GLY B 121 35.75 -9.64 17.82
N PHE B 122 36.32 -9.79 16.63
CA PHE B 122 36.59 -8.64 15.74
C PHE B 122 35.63 -8.54 14.56
N TYR B 123 35.49 -7.31 14.02
CA TYR B 123 34.70 -6.98 12.84
C TYR B 123 35.36 -5.81 12.13
N PRO B 124 35.55 -5.83 10.79
CA PRO B 124 35.18 -6.87 9.80
C PRO B 124 36.06 -8.14 9.80
N GLY B 125 35.77 -9.03 8.87
CA GLY B 125 36.46 -10.30 8.71
C GLY B 125 37.92 -10.22 8.33
N SER B 126 38.30 -9.28 7.43
CA SER B 126 39.68 -9.07 6.95
C SER B 126 40.67 -8.80 8.09
N ILE B 127 41.65 -9.70 8.22
CA ILE B 127 42.67 -9.64 9.27
C ILE B 127 43.96 -10.32 8.77
N GLU B 128 45.09 -9.74 9.17
CA GLU B 128 46.42 -10.26 8.86
C GLU B 128 47.08 -10.59 10.20
N VAL B 129 47.46 -11.86 10.38
CA VAL B 129 48.13 -12.33 11.59
C VAL B 129 49.52 -12.86 11.21
N ARG B 130 50.56 -12.31 11.84
CA ARG B 130 51.96 -12.62 11.55
C ARG B 130 52.69 -13.07 12.78
N TRP B 131 53.50 -14.13 12.63
CA TRP B 131 54.32 -14.73 13.69
C TRP B 131 55.79 -14.34 13.50
N PHE B 132 56.47 -13.99 14.62
CA PHE B 132 57.87 -13.57 14.68
C PHE B 132 58.66 -14.37 15.70
N ARG B 133 59.73 -15.04 15.23
CA ARG B 133 60.59 -15.91 16.05
C ARG B 133 61.43 -15.10 17.06
N ASN B 134 62.28 -14.20 16.57
CA ASN B 134 63.09 -13.30 17.41
C ASN B 134 63.28 -11.99 16.65
N GLY B 135 62.14 -11.36 16.36
CA GLY B 135 62.06 -10.12 15.59
C GLY B 135 61.89 -10.37 14.10
N GLN B 136 62.26 -11.58 13.63
CA GLN B 136 62.15 -11.96 12.23
C GLN B 136 60.94 -12.85 11.98
N GLU B 137 60.20 -12.57 10.90
CA GLU B 137 58.97 -13.28 10.54
C GLU B 137 59.16 -14.72 10.15
N GLU B 138 58.31 -15.59 10.73
CA GLU B 138 58.25 -17.03 10.43
C GLU B 138 57.12 -17.25 9.44
N LYS B 139 57.45 -17.72 8.24
CA LYS B 139 56.48 -17.99 7.18
C LYS B 139 56.07 -19.45 7.18
N THR B 140 56.99 -20.31 7.66
CA THR B 140 56.83 -21.76 7.75
C THR B 140 56.30 -22.18 9.12
N GLY B 141 55.62 -23.33 9.16
CA GLY B 141 55.11 -23.90 10.41
C GLY B 141 53.93 -23.17 11.02
N VAL B 142 53.22 -22.37 10.19
CA VAL B 142 52.04 -21.62 10.60
C VAL B 142 50.73 -22.35 10.21
N VAL B 143 49.99 -22.82 11.23
CA VAL B 143 48.75 -23.56 11.06
C VAL B 143 47.57 -22.67 11.45
N SER B 144 46.79 -22.26 10.45
CA SER B 144 45.63 -21.43 10.71
C SER B 144 44.35 -22.22 10.51
N THR B 145 43.34 -21.87 11.32
CA THR B 145 42.02 -22.45 11.22
C THR B 145 41.23 -21.67 10.17
N GLY B 146 41.78 -20.50 9.79
CA GLY B 146 41.17 -19.58 8.88
C GLY B 146 40.20 -18.67 9.62
N LEU B 147 39.46 -17.85 8.89
CA LEU B 147 38.49 -16.96 9.48
C LEU B 147 37.23 -17.71 9.93
N ILE B 148 36.87 -17.57 11.22
CA ILE B 148 35.67 -18.20 11.77
C ILE B 148 34.64 -17.12 12.09
N HIS B 149 33.46 -17.29 11.52
CA HIS B 149 32.31 -16.43 11.71
C HIS B 149 31.54 -16.89 12.95
N ASN B 150 31.28 -15.99 13.92
CA ASN B 150 30.53 -16.35 15.14
C ASN B 150 29.02 -16.12 15.00
N GLY B 151 28.61 -15.62 13.84
CA GLY B 151 27.22 -15.37 13.47
C GLY B 151 26.53 -14.29 14.27
N ASP B 152 27.33 -13.36 14.87
CA ASP B 152 26.81 -12.28 15.70
C ASP B 152 27.57 -10.97 15.48
N TRP B 153 28.01 -10.72 14.24
CA TRP B 153 28.77 -9.52 13.84
C TRP B 153 30.18 -9.47 14.49
N THR B 154 30.75 -10.66 14.79
CA THR B 154 32.10 -10.87 15.32
C THR B 154 32.74 -12.11 14.65
N PHE B 155 34.07 -12.05 14.51
CA PHE B 155 34.88 -13.14 13.97
C PHE B 155 35.94 -13.56 14.99
N GLN B 156 36.57 -14.71 14.73
CA GLN B 156 37.69 -15.27 15.49
C GLN B 156 38.62 -16.08 14.60
N THR B 157 39.88 -16.22 15.03
CA THR B 157 40.94 -16.97 14.35
C THR B 157 41.92 -17.47 15.39
N LEU B 158 42.43 -18.64 15.13
CA LEU B 158 43.45 -19.28 15.94
C LEU B 158 44.57 -19.49 14.95
N VAL B 159 45.66 -18.76 15.14
CA VAL B 159 46.84 -18.88 14.28
C VAL B 159 47.98 -19.51 15.09
N MET B 160 48.19 -20.82 14.89
CA MET B 160 49.20 -21.61 15.62
C MET B 160 50.53 -21.69 14.92
N LEU B 161 51.60 -21.73 15.72
CA LEU B 161 52.96 -21.83 15.20
C LEU B 161 53.70 -23.01 15.77
N GLU B 162 54.27 -23.84 14.87
CA GLU B 162 55.10 -25.01 15.20
C GLU B 162 56.40 -24.53 15.79
N THR B 163 56.62 -24.87 17.05
CA THR B 163 57.76 -24.39 17.80
C THR B 163 58.54 -25.48 18.53
N VAL B 164 59.88 -25.40 18.42
CA VAL B 164 60.87 -26.18 19.18
C VAL B 164 61.64 -25.03 19.87
N PRO B 165 61.15 -24.56 21.05
CA PRO B 165 61.76 -23.37 21.67
C PRO B 165 63.03 -23.56 22.47
N ARG B 166 63.91 -22.53 22.42
CA ARG B 166 65.18 -22.42 23.15
C ARG B 166 64.97 -21.47 24.33
N SER B 167 65.92 -21.47 25.30
CA SER B 167 65.86 -20.66 26.51
C SER B 167 65.90 -19.13 26.28
N GLY B 168 66.58 -18.70 25.22
CA GLY B 168 66.70 -17.29 24.87
C GLY B 168 65.60 -16.72 23.98
N GLU B 169 64.82 -17.60 23.34
CA GLU B 169 63.74 -17.31 22.39
C GLU B 169 62.64 -16.36 22.89
N VAL B 170 62.24 -15.42 22.01
CA VAL B 170 61.16 -14.45 22.27
C VAL B 170 60.17 -14.37 21.07
N TYR B 171 59.08 -15.18 21.15
CA TYR B 171 58.05 -15.26 20.10
C TYR B 171 57.05 -14.13 20.14
N THR B 172 56.91 -13.40 19.03
CA THR B 172 55.96 -12.30 18.97
C THR B 172 54.92 -12.39 17.83
N CYS B 173 53.66 -12.18 18.20
CA CYS B 173 52.54 -12.24 17.27
C CYS B 173 51.97 -10.85 16.90
N GLN B 174 51.95 -10.52 15.59
CA GLN B 174 51.45 -9.25 15.05
C GLN B 174 50.05 -9.38 14.41
N VAL B 175 49.14 -8.48 14.80
CA VAL B 175 47.76 -8.46 14.31
C VAL B 175 47.47 -7.12 13.59
N GLU B 176 47.31 -7.16 12.24
CA GLU B 176 46.95 -6.01 11.42
C GLU B 176 45.44 -6.07 11.10
N HIS B 177 44.68 -5.08 11.57
CA HIS B 177 43.23 -5.04 11.40
C HIS B 177 42.68 -3.62 11.12
N PRO B 178 41.67 -3.47 10.21
CA PRO B 178 41.09 -2.13 9.94
C PRO B 178 40.71 -1.26 11.15
N SER B 179 40.34 -1.87 12.30
CA SER B 179 39.93 -1.12 13.49
C SER B 179 41.10 -0.62 14.35
N VAL B 180 42.34 -1.00 13.98
CA VAL B 180 43.54 -0.60 14.71
C VAL B 180 44.49 0.26 13.88
N THR B 181 44.91 1.39 14.46
CA THR B 181 45.83 2.32 13.82
C THR B 181 47.23 1.72 14.01
N SER B 182 47.62 1.51 15.29
CA SER B 182 48.88 0.90 15.73
C SER B 182 48.71 -0.64 15.72
N PRO B 183 49.51 -1.39 14.90
CA PRO B 183 49.36 -2.87 14.88
C PRO B 183 49.66 -3.52 16.23
N LEU B 184 48.72 -4.37 16.67
CA LEU B 184 48.80 -5.09 17.93
C LEU B 184 49.90 -6.12 17.91
N THR B 185 50.63 -6.23 19.03
CA THR B 185 51.73 -7.18 19.23
C THR B 185 51.67 -7.75 20.64
N VAL B 186 51.64 -9.09 20.72
CA VAL B 186 51.61 -9.85 21.96
C VAL B 186 52.80 -10.79 21.92
N GLU B 187 53.61 -10.79 23.00
CA GLU B 187 54.80 -11.63 23.03
C GLU B 187 54.81 -12.70 24.09
N TRP B 188 55.44 -13.84 23.76
CA TRP B 188 55.61 -14.98 24.64
C TRP B 188 57.08 -15.40 24.61
N ARG B 189 57.64 -15.69 25.79
CA ARG B 189 59.03 -16.11 25.94
C ARG B 189 59.16 -17.34 26.84
N ALA B 190 60.21 -18.14 26.59
CA ALA B 190 60.54 -19.34 27.35
C ALA B 190 61.41 -18.98 28.57
N ARG C 1 16.50 5.88 9.00
CA ARG C 1 15.81 5.69 7.71
C ARG C 1 15.28 4.26 7.58
N PHE C 2 14.59 3.95 6.47
CA PHE C 2 13.98 2.64 6.32
C PHE C 2 14.68 1.73 5.39
N TYR C 3 14.80 0.48 5.81
CA TYR C 3 15.27 -0.60 4.95
C TYR C 3 14.02 -0.90 4.09
N LYS C 4 14.16 -0.85 2.76
CA LYS C 4 13.05 -1.13 1.87
C LYS C 4 13.11 -2.57 1.39
N THR C 5 11.97 -3.24 1.36
CA THR C 5 11.79 -4.57 0.83
C THR C 5 11.67 -4.48 -0.67
N LEU C 6 12.29 -5.40 -1.40
CA LEU C 6 12.04 -5.52 -2.82
C LEU C 6 10.79 -6.41 -2.86
N ARG C 7 9.69 -5.86 -3.36
CA ARG C 7 8.42 -6.58 -3.39
C ARG C 7 8.41 -7.68 -4.42
N ALA C 8 7.89 -8.83 -4.00
CA ALA C 8 7.75 -10.04 -4.81
C ALA C 8 6.42 -10.01 -5.60
N GLU C 9 6.40 -10.70 -6.76
CA GLU C 9 5.23 -10.85 -7.60
C GLU C 9 4.81 -12.32 -7.69
N GLN C 10 3.53 -12.57 -7.90
CA GLN C 10 2.99 -13.90 -8.10
C GLN C 10 3.47 -14.46 -9.43
N ALA C 11 3.86 -15.72 -9.40
CA ALA C 11 4.38 -16.47 -10.55
C ALA C 11 3.25 -16.72 -11.57
N SER C 12 3.63 -17.03 -12.83
CA SER C 12 2.70 -17.34 -13.93
C SER C 12 1.87 -18.60 -13.63
N GLN C 13 0.58 -18.59 -13.97
CA GLN C 13 -0.35 -19.70 -13.76
C GLN C 13 -0.93 -20.26 -15.09
N LEU D 2 1.35 7.28 7.32
CA LEU D 2 0.67 7.91 8.45
C LEU D 2 -0.21 9.14 8.08
N ASN D 3 0.39 10.20 7.46
CA ASN D 3 -0.37 11.39 7.09
C ASN D 3 0.02 12.02 5.76
N VAL D 4 -1.01 12.37 4.95
CA VAL D 4 -0.89 13.01 3.63
C VAL D 4 -1.80 14.25 3.63
N GLU D 5 -1.24 15.38 3.26
CA GLU D 5 -1.98 16.63 3.19
C GLU D 5 -1.98 17.23 1.80
N GLN D 6 -3.15 17.71 1.34
CA GLN D 6 -3.31 18.36 0.05
C GLN D 6 -3.68 19.84 0.16
N SER D 7 -3.09 20.67 -0.69
CA SER D 7 -3.35 22.10 -0.70
C SER D 7 -3.52 22.66 -2.12
N PRO D 8 -4.54 23.52 -2.38
CA PRO D 8 -5.62 23.95 -1.46
C PRO D 8 -6.74 22.91 -1.41
N GLN D 9 -7.69 23.04 -0.47
CA GLN D 9 -8.81 22.11 -0.36
C GLN D 9 -9.80 22.30 -1.55
N SER D 10 -10.03 23.55 -1.98
CA SER D 10 -10.93 23.92 -3.07
C SER D 10 -10.19 24.83 -4.04
N LEU D 11 -10.67 24.91 -5.29
CA LEU D 11 -10.01 25.70 -6.31
C LEU D 11 -10.97 26.08 -7.45
N HIS D 12 -10.93 27.36 -7.86
CA HIS D 12 -11.70 27.88 -8.98
C HIS D 12 -10.72 28.30 -10.05
N VAL D 13 -11.07 27.98 -11.28
CA VAL D 13 -10.23 28.31 -12.42
C VAL D 13 -11.14 28.59 -13.61
N GLN D 14 -10.82 29.65 -14.38
CA GLN D 14 -11.59 30.01 -15.55
C GLN D 14 -11.16 29.12 -16.70
N GLU D 15 -12.13 28.69 -17.53
CA GLU D 15 -11.86 27.84 -18.69
C GLU D 15 -10.71 28.44 -19.52
N GLY D 16 -9.79 27.57 -19.95
CA GLY D 16 -8.62 27.97 -20.73
C GLY D 16 -7.39 28.27 -19.92
N ASP D 17 -7.56 28.68 -18.64
CA ASP D 17 -6.47 29.01 -17.72
C ASP D 17 -5.80 27.77 -17.12
N SER D 18 -4.57 27.97 -16.61
CA SER D 18 -3.82 26.91 -15.97
C SER D 18 -3.95 27.02 -14.49
N THR D 19 -3.74 25.91 -13.83
CA THR D 19 -3.76 25.81 -12.37
C THR D 19 -2.85 24.67 -11.95
N ASN D 20 -2.59 24.59 -10.67
CA ASN D 20 -1.80 23.56 -10.07
C ASN D 20 -2.13 23.52 -8.60
N PHE D 21 -1.82 22.40 -7.99
CA PHE D 21 -2.03 22.17 -6.59
C PHE D 21 -1.01 21.15 -6.09
N THR D 22 -0.81 21.16 -4.78
CA THR D 22 0.22 20.38 -4.15
C THR D 22 -0.26 19.26 -3.25
N CYS D 23 0.62 18.27 -3.10
CA CYS D 23 0.48 17.12 -2.22
C CYS D 23 1.75 16.97 -1.37
N SER D 24 1.57 16.81 -0.03
CA SER D 24 2.66 16.59 0.92
CA SER D 24 2.65 16.60 0.95
C SER D 24 2.49 15.21 1.55
N PHE D 25 3.54 14.38 1.50
CA PHE D 25 3.51 13.01 2.02
C PHE D 25 4.78 12.73 2.86
N PRO D 26 4.87 11.60 3.65
CA PRO D 26 6.09 11.35 4.43
C PRO D 26 7.34 11.24 3.58
N SER D 27 8.49 11.68 4.11
CA SER D 27 9.74 11.58 3.37
C SER D 27 10.46 10.24 3.69
N SER D 28 9.79 9.35 4.46
CA SER D 28 10.31 8.07 4.91
C SER D 28 9.45 6.93 4.45
N ASN D 29 10.10 5.78 4.12
CA ASN D 29 9.50 4.52 3.67
C ASN D 29 8.67 4.70 2.38
N PHE D 30 9.17 5.51 1.45
CA PHE D 30 8.46 5.80 0.21
C PHE D 30 8.50 4.68 -0.80
N TYR D 31 7.34 4.30 -1.33
CA TYR D 31 7.28 3.33 -2.43
C TYR D 31 6.62 3.97 -3.64
N ALA D 32 5.42 4.50 -3.46
CA ALA D 32 4.76 5.16 -4.57
C ALA D 32 3.87 6.29 -4.12
N LEU D 33 3.59 7.17 -5.07
CA LEU D 33 2.64 8.25 -4.90
C LEU D 33 1.65 8.18 -6.07
N HIS D 34 0.38 8.02 -5.74
CA HIS D 34 -0.67 7.94 -6.74
C HIS D 34 -1.49 9.21 -6.75
N TRP D 35 -1.97 9.61 -7.95
CA TRP D 35 -2.91 10.70 -8.15
C TRP D 35 -4.18 10.10 -8.77
N TYR D 36 -5.34 10.40 -8.20
CA TYR D 36 -6.66 9.94 -8.67
C TYR D 36 -7.56 11.12 -9.00
N ARG D 37 -8.32 11.01 -10.09
N ARG D 37 -8.31 11.01 -10.10
CA ARG D 37 -9.32 11.97 -10.54
CA ARG D 37 -9.31 12.00 -10.51
C ARG D 37 -10.68 11.41 -10.10
C ARG D 37 -10.68 11.43 -10.11
N TRP D 38 -11.43 12.20 -9.33
CA TRP D 38 -12.73 11.79 -8.84
C TRP D 38 -13.83 12.77 -9.18
N GLU D 39 -14.53 12.50 -10.30
CA GLU D 39 -15.71 13.26 -10.73
C GLU D 39 -16.90 12.90 -9.83
N THR D 40 -17.86 13.83 -9.68
CA THR D 40 -19.08 13.76 -8.87
C THR D 40 -19.67 12.36 -8.58
N ALA D 41 -20.38 11.76 -9.56
CA ALA D 41 -21.03 10.46 -9.37
C ALA D 41 -20.21 9.26 -9.89
N LYS D 42 -19.02 9.57 -10.46
CA LYS D 42 -18.12 8.57 -11.02
C LYS D 42 -17.22 7.95 -9.94
N SER D 43 -16.42 6.94 -10.35
CA SER D 43 -15.47 6.29 -9.45
C SER D 43 -14.07 6.95 -9.58
N PRO D 44 -13.28 7.01 -8.48
CA PRO D 44 -11.91 7.56 -8.61
C PRO D 44 -11.06 6.75 -9.61
N GLU D 45 -10.56 7.43 -10.65
CA GLU D 45 -9.76 6.81 -11.71
C GLU D 45 -8.35 7.33 -11.64
N ALA D 46 -7.37 6.39 -11.64
CA ALA D 46 -5.94 6.70 -11.53
C ALA D 46 -5.45 7.53 -12.67
N LEU D 47 -4.67 8.56 -12.35
CA LEU D 47 -4.05 9.41 -13.36
C LEU D 47 -2.60 9.00 -13.48
N PHE D 48 -1.89 8.91 -12.34
CA PHE D 48 -0.47 8.56 -12.27
C PHE D 48 -0.16 7.70 -11.07
N VAL D 49 0.92 6.92 -11.19
CA VAL D 49 1.57 6.11 -10.16
C VAL D 49 3.04 6.57 -10.31
N MET D 50 3.49 7.45 -9.40
CA MET D 50 4.85 8.00 -9.42
C MET D 50 5.75 7.25 -8.45
N THR D 51 6.88 6.77 -8.95
CA THR D 51 7.81 5.98 -8.15
C THR D 51 9.21 6.57 -8.13
N LEU D 52 9.63 7.23 -9.23
CA LEU D 52 10.97 7.81 -9.32
C LEU D 52 11.04 9.29 -8.99
N ASN D 53 11.95 9.63 -8.08
CA ASN D 53 12.23 11.00 -7.71
C ASN D 53 12.70 11.75 -8.93
N GLY D 54 12.10 12.92 -9.14
CA GLY D 54 12.43 13.80 -10.25
C GLY D 54 11.72 13.49 -11.55
N ASP D 55 10.89 12.43 -11.57
CA ASP D 55 10.14 12.07 -12.77
C ASP D 55 8.96 12.99 -12.99
N GLU D 56 8.65 13.23 -14.25
CA GLU D 56 7.53 14.07 -14.67
C GLU D 56 6.70 13.23 -15.62
N LYS D 57 5.43 13.11 -15.30
CA LYS D 57 4.54 12.32 -16.09
C LYS D 57 3.47 13.22 -16.71
N LYS D 58 3.06 12.94 -17.95
CA LYS D 58 2.04 13.70 -18.67
C LYS D 58 0.98 12.79 -19.24
N LYS D 59 -0.28 13.14 -18.97
CA LYS D 59 -1.47 12.45 -19.45
C LYS D 59 -2.32 13.56 -20.13
N GLY D 60 -1.80 14.04 -21.27
CA GLY D 60 -2.42 15.11 -22.05
C GLY D 60 -2.20 16.48 -21.44
N ARG D 61 -3.26 17.11 -20.93
CA ARG D 61 -3.16 18.44 -20.33
C ARG D 61 -2.87 18.42 -18.82
N ILE D 62 -2.68 17.21 -18.25
CA ILE D 62 -2.36 17.00 -16.84
C ILE D 62 -0.90 16.51 -16.69
N SER D 63 -0.13 17.17 -15.84
CA SER D 63 1.26 16.85 -15.56
C SER D 63 1.42 16.63 -14.07
N ALA D 64 2.38 15.77 -13.71
CA ALA D 64 2.66 15.50 -12.29
C ALA D 64 4.17 15.42 -12.08
N THR D 65 4.62 15.98 -10.98
CA THR D 65 6.05 15.96 -10.62
C THR D 65 6.17 15.30 -9.26
N LEU D 66 7.33 14.66 -9.03
CA LEU D 66 7.60 13.97 -7.78
C LEU D 66 8.94 14.38 -7.21
N ASN D 67 8.96 14.78 -5.92
CA ASN D 67 10.17 15.07 -5.17
C ASN D 67 10.08 14.23 -3.90
N THR D 68 10.86 13.15 -3.84
CA THR D 68 10.78 12.23 -2.70
C THR D 68 11.49 12.72 -1.45
N LYS D 69 12.65 13.37 -1.64
CA LYS D 69 13.49 13.92 -0.56
C LYS D 69 12.71 14.95 0.23
N GLU D 70 12.02 15.86 -0.48
CA GLU D 70 11.24 16.88 0.18
C GLU D 70 9.84 16.43 0.62
N GLY D 71 9.30 15.39 -0.04
CA GLY D 71 8.01 14.82 0.31
C GLY D 71 6.83 15.59 -0.26
N TYR D 72 6.95 15.99 -1.53
CA TYR D 72 5.92 16.75 -2.20
C TYR D 72 5.66 16.34 -3.66
N SER D 73 4.43 16.56 -4.09
CA SER D 73 4.05 16.30 -5.47
C SER D 73 3.17 17.44 -5.92
N TYR D 74 3.36 17.85 -7.18
CA TYR D 74 2.60 18.91 -7.81
C TYR D 74 1.81 18.37 -8.98
N LEU D 75 0.52 18.68 -9.02
CA LEU D 75 -0.31 18.33 -10.16
C LEU D 75 -0.59 19.61 -10.99
N TYR D 76 -0.35 19.55 -12.29
CA TYR D 76 -0.50 20.69 -13.20
C TYR D 76 -1.59 20.44 -14.19
N ILE D 77 -2.53 21.40 -14.33
CA ILE D 77 -3.56 21.35 -15.37
C ILE D 77 -3.39 22.59 -16.23
N LYS D 78 -2.99 22.37 -17.47
CA LYS D 78 -2.78 23.38 -18.49
C LYS D 78 -4.06 23.51 -19.35
N GLY D 79 -4.44 24.76 -19.68
CA GLY D 79 -5.61 25.07 -20.50
C GLY D 79 -6.86 24.36 -20.03
N SER D 80 -7.17 24.49 -18.70
CA SER D 80 -8.27 23.83 -18.01
C SER D 80 -9.54 23.83 -18.83
N GLN D 81 -10.19 22.66 -18.89
CA GLN D 81 -11.43 22.42 -19.63
C GLN D 81 -12.54 22.11 -18.64
N PRO D 82 -13.83 22.34 -18.97
CA PRO D 82 -14.90 22.01 -18.00
C PRO D 82 -14.87 20.57 -17.47
N GLU D 83 -14.50 19.60 -18.35
CA GLU D 83 -14.39 18.17 -18.01
C GLU D 83 -13.29 17.85 -16.98
N ASP D 84 -12.41 18.83 -16.70
CA ASP D 84 -11.35 18.69 -15.73
C ASP D 84 -11.86 18.94 -14.30
N SER D 85 -13.13 19.40 -14.15
CA SER D 85 -13.74 19.64 -12.82
C SER D 85 -13.97 18.30 -12.15
N ALA D 86 -13.27 18.09 -11.04
CA ALA D 86 -13.24 16.87 -10.23
C ALA D 86 -12.48 17.17 -8.97
N THR D 87 -12.47 16.21 -8.05
CA THR D 87 -11.67 16.20 -6.83
C THR D 87 -10.45 15.37 -7.23
N TYR D 88 -9.26 15.92 -7.00
CA TYR D 88 -8.00 15.27 -7.31
C TYR D 88 -7.41 14.79 -6.02
N LEU D 89 -7.28 13.48 -5.89
CA LEU D 89 -6.80 12.90 -4.66
C LEU D 89 -5.45 12.33 -4.88
N CYS D 90 -4.55 12.53 -3.90
CA CYS D 90 -3.24 11.92 -3.96
C CYS D 90 -3.15 10.93 -2.80
N ALA D 91 -2.48 9.82 -3.07
CA ALA D 91 -2.33 8.75 -2.08
C ALA D 91 -0.89 8.27 -2.04
N PHE D 92 -0.41 8.07 -0.83
CA PHE D 92 0.94 7.61 -0.59
C PHE D 92 0.94 6.11 -0.28
N LYS D 93 1.91 5.41 -0.86
CA LYS D 93 2.10 4.00 -0.63
C LYS D 93 3.44 3.74 0.03
N ALA D 94 3.41 3.00 1.14
CA ALA D 94 4.61 2.58 1.84
C ALA D 94 4.94 1.10 1.39
N ALA D 95 5.45 0.23 2.28
CA ALA D 95 5.84 -1.14 1.92
C ALA D 95 4.71 -2.10 1.60
N GLY D 96 3.54 -1.90 2.21
CA GLY D 96 2.35 -2.72 1.97
C GLY D 96 1.58 -2.26 0.74
N ASN D 97 0.28 -2.49 0.71
CA ASN D 97 -0.53 -2.10 -0.44
C ASN D 97 -1.50 -0.96 -0.12
N LYS D 98 -1.88 -0.77 1.16
CA LYS D 98 -2.79 0.30 1.56
C LYS D 98 -2.32 1.71 1.13
N LEU D 99 -3.29 2.55 0.76
CA LEU D 99 -3.03 3.91 0.33
C LEU D 99 -3.47 4.82 1.43
N THR D 100 -2.64 5.84 1.72
CA THR D 100 -2.96 6.86 2.73
C THR D 100 -3.29 8.08 1.90
N PHE D 101 -4.54 8.51 1.97
CA PHE D 101 -5.03 9.60 1.16
C PHE D 101 -4.94 10.96 1.78
N GLY D 102 -4.79 11.96 0.91
CA GLY D 102 -4.86 13.37 1.24
C GLY D 102 -6.33 13.73 1.26
N GLY D 103 -6.65 14.98 1.64
CA GLY D 103 -8.03 15.45 1.71
C GLY D 103 -8.64 15.81 0.36
N GLY D 104 -7.79 15.79 -0.66
CA GLY D 104 -8.14 16.13 -2.04
C GLY D 104 -8.08 17.60 -2.31
N THR D 105 -8.11 17.95 -3.60
CA THR D 105 -8.24 19.31 -4.10
C THR D 105 -9.46 19.30 -5.05
N ARG D 106 -10.57 19.91 -4.60
CA ARG D 106 -11.80 20.00 -5.38
C ARG D 106 -11.63 21.13 -6.43
N VAL D 107 -11.58 20.75 -7.69
CA VAL D 107 -11.39 21.71 -8.79
C VAL D 107 -12.70 22.06 -9.47
N LEU D 108 -13.03 23.37 -9.56
CA LEU D 108 -14.19 23.85 -10.30
C LEU D 108 -13.73 24.69 -11.49
N VAL D 109 -13.94 24.17 -12.70
CA VAL D 109 -13.56 24.89 -13.91
C VAL D 109 -14.77 25.70 -14.34
N LYS D 110 -14.67 27.02 -14.20
CA LYS D 110 -15.74 27.96 -14.57
C LYS D 110 -15.77 28.08 -16.08
N PRO D 111 -16.93 27.78 -16.71
CA PRO D 111 -16.99 27.82 -18.17
C PRO D 111 -17.11 29.23 -18.74
N ASN D 112 -16.67 29.37 -20.01
CA ASN D 112 -16.78 30.63 -20.74
C ASN D 112 -18.20 30.70 -21.25
N ILE D 113 -18.88 31.80 -20.96
CA ILE D 113 -20.25 32.01 -21.38
C ILE D 113 -20.26 33.04 -22.50
N GLN D 114 -20.71 32.65 -23.67
CA GLN D 114 -20.86 33.57 -24.80
C GLN D 114 -22.32 33.90 -25.01
N ASN D 115 -22.58 35.16 -25.38
CA ASN D 115 -23.90 35.77 -25.62
C ASN D 115 -24.73 35.81 -24.31
N PRO D 116 -24.25 36.53 -23.26
CA PRO D 116 -25.03 36.59 -22.01
C PRO D 116 -26.25 37.49 -22.12
N ASP D 117 -27.45 36.90 -21.99
CA ASP D 117 -28.74 37.59 -22.02
C ASP D 117 -29.42 37.35 -20.64
N PRO D 118 -28.87 37.87 -19.50
CA PRO D 118 -29.49 37.55 -18.19
C PRO D 118 -30.96 37.89 -18.12
N ALA D 119 -31.75 36.98 -17.52
CA ALA D 119 -33.20 37.11 -17.41
C ALA D 119 -33.77 36.23 -16.32
N VAL D 120 -34.93 36.65 -15.80
CA VAL D 120 -35.69 35.96 -14.75
C VAL D 120 -37.07 35.67 -15.32
N TYR D 121 -37.40 34.37 -15.44
CA TYR D 121 -38.68 33.92 -15.98
C TYR D 121 -39.47 33.17 -14.92
N GLN D 122 -40.78 33.07 -15.18
CA GLN D 122 -41.70 32.32 -14.35
C GLN D 122 -42.28 31.23 -15.20
N LEU D 123 -42.02 29.99 -14.80
CA LEU D 123 -42.50 28.81 -15.49
C LEU D 123 -43.93 28.56 -15.05
N ARG D 124 -44.75 27.95 -15.92
CA ARG D 124 -46.14 27.62 -15.59
C ARG D 124 -46.19 26.44 -14.64
N ASP D 125 -46.73 26.68 -13.42
CA ASP D 125 -46.86 25.73 -12.31
C ASP D 125 -47.44 24.37 -12.69
N SER D 126 -46.90 23.29 -12.07
CA SER D 126 -47.32 21.91 -12.25
C SER D 126 -48.76 21.79 -11.77
N LYS D 127 -49.63 21.14 -12.57
CA LYS D 127 -51.06 20.96 -12.26
C LYS D 127 -51.38 20.57 -10.80
N SER D 128 -51.83 21.51 -9.94
CA SER D 128 -52.05 22.98 -10.09
C SER D 128 -52.59 23.60 -8.77
N SER D 129 -51.88 24.56 -8.15
CA SER D 129 -50.60 25.13 -8.58
C SER D 129 -49.41 24.50 -7.85
N ASP D 130 -49.62 24.09 -6.57
CA ASP D 130 -48.67 23.50 -5.62
C ASP D 130 -47.53 24.41 -5.16
N LYS D 131 -46.80 25.03 -6.15
CA LYS D 131 -45.66 25.93 -5.97
C LYS D 131 -45.46 26.84 -7.19
N SER D 132 -44.73 27.94 -7.00
CA SER D 132 -44.36 28.85 -8.08
C SER D 132 -42.85 28.78 -8.27
N VAL D 133 -42.40 28.62 -9.53
CA VAL D 133 -40.98 28.47 -9.89
C VAL D 133 -40.42 29.61 -10.80
N CYS D 134 -39.34 30.24 -10.31
CA CYS D 134 -38.62 31.30 -11.01
C CYS D 134 -37.27 30.83 -11.50
N LEU D 135 -36.98 31.09 -12.77
CA LEU D 135 -35.71 30.70 -13.36
C LEU D 135 -34.84 31.89 -13.80
N PHE D 136 -33.69 32.05 -13.13
CA PHE D 136 -32.68 33.04 -13.46
C PHE D 136 -31.70 32.34 -14.44
N THR D 137 -31.78 32.69 -15.72
CA THR D 137 -30.95 32.05 -16.73
C THR D 137 -30.12 33.05 -17.57
N ASP D 138 -29.21 32.51 -18.39
CA ASP D 138 -28.37 33.21 -19.36
C ASP D 138 -27.45 34.33 -18.84
N PHE D 139 -27.03 34.24 -17.57
CA PHE D 139 -26.12 35.21 -17.00
C PHE D 139 -24.64 34.79 -17.18
N ASP D 140 -23.70 35.74 -16.97
CA ASP D 140 -22.26 35.49 -17.08
C ASP D 140 -21.75 34.71 -15.85
N SER D 141 -20.59 34.04 -15.97
CA SER D 141 -20.00 33.28 -14.86
C SER D 141 -19.61 34.15 -13.63
N GLN D 142 -19.40 35.47 -13.85
CA GLN D 142 -19.04 36.41 -12.80
C GLN D 142 -20.17 36.68 -11.82
N THR D 143 -21.44 36.61 -12.30
CA THR D 143 -22.64 36.79 -11.47
C THR D 143 -22.73 35.65 -10.46
N ASN D 144 -22.76 36.00 -9.16
CA ASN D 144 -22.84 35.03 -8.08
C ASN D 144 -24.26 34.94 -7.55
N VAL D 145 -24.77 33.71 -7.37
CA VAL D 145 -26.13 33.48 -6.89
C VAL D 145 -26.12 33.29 -5.37
N SER D 146 -26.47 34.36 -4.65
CA SER D 146 -26.52 34.35 -3.19
C SER D 146 -27.74 33.57 -2.70
N GLN D 147 -27.66 33.04 -1.47
CA GLN D 147 -28.74 32.26 -0.84
C GLN D 147 -30.06 33.01 -0.61
N SER D 148 -31.11 32.23 -0.31
CA SER D 148 -32.51 32.63 -0.10
C SER D 148 -32.77 33.87 0.75
N LYS D 149 -32.06 34.00 1.91
CA LYS D 149 -32.20 35.07 2.92
C LYS D 149 -33.50 34.88 3.73
N ASP D 150 -34.63 34.66 3.02
CA ASP D 150 -35.95 34.38 3.59
C ASP D 150 -36.12 32.86 3.69
N SER D 151 -36.52 32.38 4.88
CA SER D 151 -36.69 30.95 5.20
C SER D 151 -37.81 30.24 4.41
N ASP D 152 -38.84 30.99 3.98
CA ASP D 152 -39.98 30.43 3.23
C ASP D 152 -39.65 30.20 1.74
N VAL D 153 -38.64 30.91 1.20
CA VAL D 153 -38.22 30.80 -0.20
C VAL D 153 -36.98 29.88 -0.34
N TYR D 154 -36.89 29.15 -1.46
CA TYR D 154 -35.78 28.23 -1.74
C TYR D 154 -35.07 28.61 -3.04
N ILE D 155 -33.74 28.78 -2.98
CA ILE D 155 -32.90 29.16 -4.11
C ILE D 155 -31.69 28.23 -4.22
N THR D 156 -31.51 27.64 -5.42
CA THR D 156 -30.40 26.74 -5.70
C THR D 156 -29.24 27.53 -6.29
N ASP D 157 -28.00 27.02 -6.12
CA ASP D 157 -26.80 27.64 -6.66
C ASP D 157 -26.79 27.53 -8.20
N LYS D 158 -25.93 28.32 -8.88
CA LYS D 158 -25.81 28.31 -10.33
C LYS D 158 -25.45 26.92 -10.88
N CYS D 159 -25.84 26.68 -12.14
CA CYS D 159 -25.66 25.39 -12.81
C CYS D 159 -25.51 25.58 -14.32
N VAL D 160 -24.47 24.98 -14.88
CA VAL D 160 -24.19 25.10 -16.31
C VAL D 160 -24.76 23.96 -17.13
N LEU D 161 -25.59 24.29 -18.11
CA LEU D 161 -26.16 23.33 -19.03
C LEU D 161 -25.56 23.53 -20.43
N ASP D 162 -25.21 22.43 -21.09
CA ASP D 162 -24.62 22.49 -22.41
C ASP D 162 -25.46 21.76 -23.42
N MET D 163 -25.89 22.47 -24.46
CA MET D 163 -26.59 21.89 -25.58
C MET D 163 -25.46 21.55 -26.57
N ARG D 164 -24.83 20.35 -26.38
CA ARG D 164 -23.69 19.82 -27.11
C ARG D 164 -23.73 20.06 -28.63
N SER D 165 -24.88 19.75 -29.26
CA SER D 165 -25.13 19.92 -30.69
C SER D 165 -24.96 21.39 -31.11
N MET D 166 -25.53 22.29 -30.30
CA MET D 166 -25.55 23.73 -30.49
C MET D 166 -24.26 24.47 -30.09
N ASP D 167 -23.34 23.78 -29.36
CA ASP D 167 -22.08 24.33 -28.82
C ASP D 167 -22.35 25.50 -27.80
N PHE D 168 -23.64 25.61 -27.36
CA PHE D 168 -24.14 26.63 -26.43
C PHE D 168 -24.12 26.18 -24.97
N LYS D 169 -23.52 27.01 -24.11
CA LYS D 169 -23.45 26.78 -22.68
C LYS D 169 -24.19 27.90 -21.98
N SER D 170 -24.89 27.59 -20.87
CA SER D 170 -25.61 28.62 -20.09
C SER D 170 -25.70 28.34 -18.61
N ASN D 171 -25.77 29.41 -17.82
CA ASN D 171 -25.94 29.34 -16.38
C ASN D 171 -27.43 29.40 -16.05
N SER D 172 -27.79 28.92 -14.85
CA SER D 172 -29.16 28.94 -14.35
C SER D 172 -29.19 28.66 -12.89
N ALA D 173 -30.14 29.28 -12.22
CA ALA D 173 -30.44 29.07 -10.82
C ALA D 173 -31.98 29.08 -10.73
N VAL D 174 -32.53 28.35 -9.74
CA VAL D 174 -33.97 28.22 -9.57
C VAL D 174 -34.43 28.76 -8.22
N ALA D 175 -35.56 29.45 -8.22
CA ALA D 175 -36.21 29.98 -7.02
C ALA D 175 -37.64 29.41 -6.95
N TRP D 176 -38.05 28.99 -5.75
CA TRP D 176 -39.41 28.51 -5.52
C TRP D 176 -39.91 28.80 -4.11
N SER D 177 -41.24 28.94 -3.97
CA SER D 177 -41.96 29.18 -2.71
C SER D 177 -43.43 28.83 -2.82
N ASN D 178 -43.96 28.19 -1.76
CA ASN D 178 -45.37 27.77 -1.62
C ASN D 178 -46.18 28.93 -1.05
N LYS D 179 -46.65 29.83 -1.95
CA LYS D 179 -47.45 31.04 -1.64
C LYS D 179 -46.60 32.18 -0.98
N SER D 180 -46.96 33.48 -1.16
CA SER D 180 -48.07 34.06 -1.94
C SER D 180 -47.60 35.38 -2.58
N ASP D 181 -46.77 36.13 -1.83
CA ASP D 181 -46.15 37.40 -2.22
C ASP D 181 -44.98 37.22 -3.20
N PHE D 182 -44.42 35.97 -3.27
CA PHE D 182 -43.31 35.56 -4.13
C PHE D 182 -43.57 35.83 -5.61
N ALA D 183 -42.59 36.53 -6.26
CA ALA D 183 -42.60 36.90 -7.67
C ALA D 183 -41.15 37.00 -8.20
N CYS D 184 -41.00 37.02 -9.55
CA CYS D 184 -39.74 37.09 -10.28
C CYS D 184 -38.79 38.21 -9.88
N ALA D 185 -39.28 39.47 -9.93
CA ALA D 185 -38.49 40.66 -9.61
C ALA D 185 -37.84 40.63 -8.23
N ASN D 186 -38.57 40.14 -7.21
CA ASN D 186 -38.09 40.06 -5.83
C ASN D 186 -37.35 38.77 -5.50
N ALA D 187 -37.49 37.73 -6.36
CA ALA D 187 -36.90 36.40 -6.17
C ALA D 187 -35.40 36.36 -5.86
N PHE D 188 -34.57 37.07 -6.65
CA PHE D 188 -33.11 37.05 -6.50
C PHE D 188 -32.48 38.35 -5.93
N ASN D 189 -33.13 38.93 -4.87
CA ASN D 189 -32.73 40.17 -4.19
C ASN D 189 -31.31 40.18 -3.61
N ASN D 190 -30.94 39.13 -2.84
CA ASN D 190 -29.64 38.99 -2.16
C ASN D 190 -28.46 38.80 -3.13
N SER D 191 -28.76 38.36 -4.37
CA SER D 191 -27.78 38.16 -5.43
C SER D 191 -27.56 39.46 -6.22
N ILE D 192 -26.35 39.62 -6.81
CA ILE D 192 -25.98 40.81 -7.58
C ILE D 192 -26.54 40.72 -9.02
N ILE D 193 -27.80 41.15 -9.21
CA ILE D 193 -28.48 41.12 -10.50
C ILE D 193 -28.02 42.30 -11.39
N PRO D 194 -27.46 42.02 -12.60
CA PRO D 194 -27.05 43.13 -13.49
C PRO D 194 -28.25 43.96 -13.95
N GLU D 195 -28.06 45.28 -14.22
CA GLU D 195 -29.17 46.14 -14.64
C GLU D 195 -29.80 45.78 -16.01
N ASP D 196 -29.02 45.09 -16.87
CA ASP D 196 -29.45 44.67 -18.21
C ASP D 196 -30.46 43.49 -18.20
N THR D 197 -30.58 42.77 -17.04
CA THR D 197 -31.47 41.62 -16.80
C THR D 197 -32.92 41.86 -17.28
N PHE D 198 -33.36 41.05 -18.27
CA PHE D 198 -34.69 41.13 -18.86
C PHE D 198 -35.78 40.58 -17.92
N PHE D 199 -36.89 41.34 -17.77
CA PHE D 199 -38.06 40.97 -16.96
C PHE D 199 -39.34 41.09 -17.81
N PRO D 200 -39.99 39.97 -18.16
CA PRO D 200 -41.19 40.06 -19.00
C PRO D 200 -42.47 40.38 -18.21
N SER D 201 -43.26 41.37 -18.70
CA SER D 201 -44.50 41.85 -18.08
C SER D 201 -45.73 41.60 -18.98
N PRO E 2 -13.34 -3.12 -18.19
CA PRO E 2 -12.36 -3.48 -17.15
C PRO E 2 -12.56 -2.58 -15.93
N GLU E 3 -13.65 -2.83 -15.19
CA GLU E 3 -14.07 -2.01 -14.05
C GLU E 3 -14.54 -2.83 -12.85
N VAL E 4 -14.46 -2.22 -11.67
CA VAL E 4 -14.97 -2.82 -10.43
C VAL E 4 -16.45 -2.37 -10.28
N THR E 5 -17.36 -3.30 -9.94
CA THR E 5 -18.79 -2.99 -9.78
C THR E 5 -19.20 -3.15 -8.31
N GLN E 6 -20.09 -2.29 -7.84
CA GLN E 6 -20.57 -2.32 -6.46
C GLN E 6 -22.11 -2.23 -6.42
N THR E 7 -22.76 -3.12 -5.63
CA THR E 7 -24.21 -3.08 -5.38
C THR E 7 -24.55 -3.05 -3.89
N PRO E 8 -25.57 -2.26 -3.48
CA PRO E 8 -26.39 -1.34 -4.29
C PRO E 8 -25.67 0.00 -4.44
N SER E 9 -26.27 0.97 -5.15
CA SER E 9 -25.66 2.30 -5.31
C SER E 9 -25.61 3.04 -3.96
N HIS E 10 -26.71 2.93 -3.20
CA HIS E 10 -26.97 3.54 -1.90
C HIS E 10 -27.68 2.53 -1.02
N GLN E 11 -27.64 2.72 0.31
CA GLN E 11 -28.30 1.87 1.29
C GLN E 11 -28.68 2.60 2.54
N VAL E 12 -29.91 2.37 3.02
CA VAL E 12 -30.43 2.97 4.24
C VAL E 12 -30.58 1.84 5.24
N THR E 13 -30.00 2.00 6.45
CA THR E 13 -30.11 0.99 7.49
C THR E 13 -30.33 1.60 8.86
N GLN E 14 -30.91 0.81 9.75
CA GLN E 14 -31.15 1.21 11.11
C GLN E 14 -29.89 0.98 11.91
N MET E 15 -29.65 1.84 12.89
CA MET E 15 -28.53 1.76 13.83
C MET E 15 -28.59 0.40 14.54
N GLY E 16 -27.43 -0.25 14.68
CA GLY E 16 -27.29 -1.55 15.33
C GLY E 16 -27.41 -2.77 14.44
N GLN E 17 -28.00 -2.61 13.25
CA GLN E 17 -28.19 -3.72 12.31
C GLN E 17 -26.91 -4.07 11.51
N GLU E 18 -26.87 -5.29 10.96
CA GLU E 18 -25.78 -5.84 10.15
C GLU E 18 -26.02 -5.49 8.67
N VAL E 19 -24.96 -5.02 7.99
CA VAL E 19 -25.03 -4.67 6.57
C VAL E 19 -23.98 -5.40 5.76
N ILE E 20 -24.34 -5.83 4.57
CA ILE E 20 -23.40 -6.51 3.69
C ILE E 20 -23.23 -5.78 2.38
N LEU E 21 -22.04 -5.19 2.20
CA LEU E 21 -21.68 -4.46 1.00
C LEU E 21 -21.00 -5.47 0.12
N ARG E 22 -21.62 -5.75 -1.01
CA ARG E 22 -21.16 -6.71 -2.01
C ARG E 22 -20.37 -5.96 -3.07
N CYS E 23 -19.41 -6.64 -3.69
CA CYS E 23 -18.54 -6.05 -4.69
C CYS E 23 -18.06 -7.07 -5.71
N VAL E 24 -17.76 -6.62 -6.93
CA VAL E 24 -17.22 -7.50 -7.99
C VAL E 24 -15.89 -6.94 -8.47
N PRO E 25 -14.76 -7.44 -7.93
CA PRO E 25 -13.45 -6.94 -8.37
C PRO E 25 -13.15 -7.27 -9.82
N ILE E 26 -12.06 -6.73 -10.38
CA ILE E 26 -11.66 -7.07 -11.74
C ILE E 26 -11.17 -8.53 -11.71
N SER E 27 -11.78 -9.38 -12.57
CA SER E 27 -11.63 -10.85 -12.67
C SER E 27 -10.23 -11.43 -12.37
N ASN E 28 -9.19 -10.94 -13.05
CA ASN E 28 -7.83 -11.44 -12.88
C ASN E 28 -7.01 -10.70 -11.80
N HIS E 29 -7.64 -9.82 -11.02
CA HIS E 29 -6.93 -9.04 -10.01
C HIS E 29 -6.57 -9.86 -8.79
N LEU E 30 -5.40 -9.58 -8.21
CA LEU E 30 -4.87 -10.32 -7.09
C LEU E 30 -5.18 -9.81 -5.73
N TYR E 31 -5.24 -8.48 -5.59
CA TYR E 31 -5.48 -7.81 -4.31
C TYR E 31 -6.81 -7.14 -4.33
N PHE E 32 -7.57 -7.28 -3.25
CA PHE E 32 -8.86 -6.62 -3.16
C PHE E 32 -8.85 -5.72 -1.94
N TYR E 33 -9.53 -4.56 -2.02
CA TYR E 33 -9.54 -3.60 -0.92
C TYR E 33 -10.92 -3.05 -0.64
N TRP E 34 -11.07 -2.48 0.55
CA TRP E 34 -12.19 -1.68 0.99
C TRP E 34 -11.61 -0.39 1.59
N TYR E 35 -12.17 0.74 1.15
CA TYR E 35 -11.89 2.07 1.65
C TYR E 35 -13.23 2.66 1.97
N ARG E 36 -13.25 3.67 2.82
CA ARG E 36 -14.48 4.42 3.12
C ARG E 36 -14.14 5.89 3.30
N GLN E 37 -15.12 6.75 3.06
CA GLN E 37 -14.98 8.18 3.22
C GLN E 37 -16.22 8.75 3.93
N ILE E 38 -16.00 9.23 5.13
CA ILE E 38 -17.03 9.97 5.87
C ILE E 38 -17.03 11.36 5.24
N LEU E 39 -18.22 11.97 5.10
CA LEU E 39 -18.33 13.30 4.49
C LEU E 39 -17.47 14.37 5.17
N GLY E 40 -16.69 15.08 4.35
CA GLY E 40 -15.78 16.11 4.82
C GLY E 40 -14.47 15.57 5.37
N GLN E 41 -14.36 14.22 5.47
CA GLN E 41 -13.16 13.53 5.95
C GLN E 41 -12.38 12.93 4.75
N LYS E 42 -11.14 12.46 5.02
CA LYS E 42 -10.27 11.83 4.01
C LYS E 42 -10.74 10.42 3.70
N VAL E 43 -10.44 9.93 2.48
CA VAL E 43 -10.68 8.54 2.10
C VAL E 43 -9.74 7.74 3.03
N GLU E 44 -10.29 6.77 3.76
CA GLU E 44 -9.55 5.96 4.72
C GLU E 44 -9.57 4.51 4.39
N PHE E 45 -8.44 3.87 4.63
CA PHE E 45 -8.26 2.43 4.42
C PHE E 45 -8.93 1.61 5.51
N LEU E 46 -9.55 0.47 5.11
CA LEU E 46 -10.19 -0.48 6.01
C LEU E 46 -9.52 -1.83 6.02
N VAL E 47 -9.40 -2.47 4.84
CA VAL E 47 -8.85 -3.82 4.70
C VAL E 47 -8.40 -4.12 3.27
N SER E 48 -7.36 -4.95 3.17
CA SER E 48 -6.83 -5.51 1.94
C SER E 48 -6.84 -7.03 2.12
N PHE E 49 -6.98 -7.74 1.02
CA PHE E 49 -7.12 -9.18 0.95
C PHE E 49 -6.34 -9.70 -0.24
N TYR E 50 -5.67 -10.82 -0.04
CA TYR E 50 -4.83 -11.44 -1.06
C TYR E 50 -4.72 -12.91 -0.77
N ASN E 51 -4.86 -13.74 -1.80
CA ASN E 51 -4.80 -15.21 -1.77
C ASN E 51 -5.55 -15.84 -0.59
N ASN E 52 -6.84 -15.49 -0.48
CA ASN E 52 -7.79 -15.98 0.52
C ASN E 52 -7.52 -15.59 1.97
N GLU E 53 -6.77 -14.49 2.16
CA GLU E 53 -6.42 -14.01 3.48
C GLU E 53 -6.31 -12.52 3.57
N ILE E 54 -6.61 -11.98 4.74
CA ILE E 54 -6.47 -10.55 5.04
C ILE E 54 -4.96 -10.20 5.02
N SER E 55 -4.58 -9.17 4.24
CA SER E 55 -3.20 -8.74 4.18
C SER E 55 -3.00 -7.70 5.29
N GLU E 56 -3.52 -6.49 5.10
CA GLU E 56 -3.49 -5.39 6.05
C GLU E 56 -4.92 -5.07 6.46
N LYS E 57 -5.11 -4.60 7.69
CA LYS E 57 -6.40 -4.18 8.23
C LYS E 57 -6.22 -2.90 9.03
N SER E 58 -7.23 -2.04 9.00
CA SER E 58 -7.31 -0.80 9.76
C SER E 58 -7.43 -1.14 11.25
N GLU E 59 -6.95 -0.24 12.13
CA GLU E 59 -7.01 -0.39 13.61
C GLU E 59 -8.45 -0.55 14.15
N ILE E 60 -9.48 -0.06 13.39
CA ILE E 60 -10.92 -0.16 13.68
C ILE E 60 -11.48 -1.55 13.28
N PHE E 61 -11.19 -1.98 12.04
CA PHE E 61 -11.57 -3.25 11.41
C PHE E 61 -11.21 -4.41 12.30
N ASP E 62 -12.04 -5.50 12.25
CA ASP E 62 -11.93 -6.76 12.98
C ASP E 62 -12.80 -6.72 14.21
N ASP E 63 -12.70 -5.64 14.98
CA ASP E 63 -13.52 -5.39 16.16
C ASP E 63 -14.93 -5.04 15.72
N GLN E 64 -15.10 -4.65 14.44
CA GLN E 64 -16.38 -4.26 13.87
C GLN E 64 -16.71 -4.99 12.54
N PHE E 65 -15.81 -4.92 11.57
CA PHE E 65 -16.03 -5.45 10.24
C PHE E 65 -15.53 -6.86 10.01
N SER E 66 -15.85 -7.41 8.82
CA SER E 66 -15.45 -8.72 8.33
C SER E 66 -15.49 -8.71 6.78
N VAL E 67 -14.64 -9.51 6.15
CA VAL E 67 -14.63 -9.67 4.68
C VAL E 67 -14.80 -11.10 4.33
N GLU E 68 -15.36 -11.37 3.16
CA GLU E 68 -15.51 -12.74 2.67
C GLU E 68 -15.31 -12.78 1.18
N ARG E 69 -14.73 -13.90 0.71
CA ARG E 69 -14.47 -14.16 -0.69
C ARG E 69 -15.13 -15.52 -0.94
N PRO E 70 -16.45 -15.53 -1.27
CA PRO E 70 -17.17 -16.81 -1.42
C PRO E 70 -16.82 -17.59 -2.69
N ASP E 71 -16.75 -16.89 -3.82
CA ASP E 71 -16.43 -17.45 -5.15
C ASP E 71 -15.40 -16.54 -5.85
N GLY E 72 -14.83 -17.01 -6.95
CA GLY E 72 -13.82 -16.25 -7.69
C GLY E 72 -14.32 -15.02 -8.43
N SER E 73 -15.49 -14.47 -8.02
CA SER E 73 -16.08 -13.31 -8.68
C SER E 73 -16.51 -12.23 -7.72
N ASN E 74 -16.86 -12.61 -6.48
CA ASN E 74 -17.40 -11.69 -5.49
C ASN E 74 -16.54 -11.52 -4.28
N PHE E 75 -16.57 -10.30 -3.73
CA PHE E 75 -15.88 -9.86 -2.52
C PHE E 75 -16.86 -9.05 -1.69
N THR E 76 -16.97 -9.33 -0.39
CA THR E 76 -17.95 -8.59 0.42
C THR E 76 -17.36 -8.04 1.73
N LEU E 77 -17.99 -6.97 2.23
CA LEU E 77 -17.69 -6.34 3.50
C LEU E 77 -18.93 -6.42 4.36
N LYS E 78 -18.75 -6.90 5.59
CA LYS E 78 -19.83 -7.06 6.57
C LYS E 78 -19.59 -6.17 7.77
N ILE E 79 -20.52 -5.26 8.06
CA ILE E 79 -20.45 -4.41 9.26
C ILE E 79 -21.35 -5.15 10.27
N ARG E 80 -20.79 -5.69 11.36
CA ARG E 80 -21.56 -6.48 12.34
C ARG E 80 -22.75 -5.73 12.98
N SER E 81 -22.49 -4.50 13.42
CA SER E 81 -23.47 -3.66 14.08
C SER E 81 -23.21 -2.20 13.68
N THR E 82 -24.10 -1.66 12.86
CA THR E 82 -24.00 -0.27 12.40
C THR E 82 -24.10 0.75 13.53
N LYS E 83 -23.38 1.87 13.36
CA LYS E 83 -23.33 3.02 14.27
C LYS E 83 -23.58 4.25 13.41
N LEU E 84 -23.97 5.38 14.00
CA LEU E 84 -24.16 6.63 13.26
C LEU E 84 -22.88 7.07 12.52
N GLU E 85 -21.71 6.72 13.09
CA GLU E 85 -20.37 7.01 12.55
C GLU E 85 -19.97 6.11 11.35
N ASP E 86 -20.80 5.08 11.04
CA ASP E 86 -20.60 4.19 9.91
C ASP E 86 -21.17 4.77 8.62
N SER E 87 -21.82 5.96 8.71
CA SER E 87 -22.40 6.66 7.57
C SER E 87 -21.26 7.20 6.72
N ALA E 88 -21.05 6.56 5.58
CA ALA E 88 -19.95 6.88 4.67
C ALA E 88 -20.20 6.32 3.29
N MET E 89 -19.32 6.70 2.36
CA MET E 89 -19.26 6.16 1.04
C MET E 89 -18.24 5.03 1.12
N TYR E 90 -18.65 3.81 0.78
CA TYR E 90 -17.81 2.63 0.84
C TYR E 90 -17.31 2.23 -0.52
N PHE E 91 -15.99 2.31 -0.69
CA PHE E 91 -15.33 1.99 -1.95
C PHE E 91 -14.70 0.66 -1.92
N CYS E 92 -14.92 -0.07 -2.98
CA CYS E 92 -14.21 -1.32 -3.13
C CYS E 92 -13.15 -1.13 -4.21
N ALA E 93 -11.99 -1.73 -3.99
CA ALA E 93 -10.89 -1.64 -4.95
C ALA E 93 -10.20 -2.99 -5.17
N SER E 94 -9.45 -3.06 -6.25
CA SER E 94 -8.67 -4.20 -6.61
C SER E 94 -7.45 -3.76 -7.40
N SER E 95 -6.36 -4.51 -7.31
CA SER E 95 -5.14 -4.27 -8.11
C SER E 95 -4.60 -5.59 -8.63
N GLY E 96 -3.94 -5.53 -9.78
CA GLY E 96 -3.46 -6.70 -10.49
C GLY E 96 -2.23 -7.39 -9.97
N LEU E 97 -1.25 -6.61 -9.55
CA LEU E 97 0.03 -7.12 -9.08
C LEU E 97 0.03 -7.46 -7.60
N ALA E 98 0.62 -8.60 -7.26
CA ALA E 98 0.78 -9.02 -5.85
C ALA E 98 1.92 -8.22 -5.18
N GLY E 99 2.68 -7.48 -5.98
CA GLY E 99 3.81 -6.68 -5.55
C GLY E 99 3.44 -5.27 -5.17
N GLY E 100 2.25 -4.84 -5.61
CA GLY E 100 1.66 -3.55 -5.28
C GLY E 100 2.17 -2.36 -6.07
N MET E 101 3.05 -2.59 -7.06
CA MET E 101 3.62 -1.52 -7.85
C MET E 101 2.74 -1.09 -9.07
N ASP E 102 1.42 -1.11 -8.89
CA ASP E 102 0.46 -0.69 -9.91
C ASP E 102 -0.65 0.09 -9.22
N GLU E 103 -1.61 0.63 -10.00
CA GLU E 103 -2.75 1.41 -9.53
C GLU E 103 -3.85 0.52 -8.94
N GLN E 104 -4.64 1.08 -8.03
CA GLN E 104 -5.79 0.39 -7.50
C GLN E 104 -7.02 0.89 -8.25
N PHE E 105 -7.84 -0.03 -8.75
CA PHE E 105 -9.06 0.30 -9.49
C PHE E 105 -10.21 0.34 -8.53
N PHE E 106 -10.90 1.48 -8.47
CA PHE E 106 -11.97 1.68 -7.52
C PHE E 106 -13.32 1.42 -8.12
N GLY E 107 -14.20 0.97 -7.27
CA GLY E 107 -15.59 0.75 -7.61
C GLY E 107 -16.32 2.07 -7.52
N PRO E 108 -17.57 2.13 -8.00
CA PRO E 108 -18.30 3.40 -7.95
C PRO E 108 -18.69 3.81 -6.54
N GLY E 109 -18.71 2.85 -5.62
CA GLY E 109 -19.03 3.08 -4.23
C GLY E 109 -20.49 2.89 -3.83
N THR E 110 -20.70 2.50 -2.56
CA THR E 110 -22.02 2.37 -1.95
C THR E 110 -22.12 3.44 -0.86
N ARG E 111 -23.19 4.25 -0.95
CA ARG E 111 -23.46 5.30 0.02
C ARG E 111 -24.30 4.65 1.13
N LEU E 112 -23.71 4.48 2.32
CA LEU E 112 -24.42 3.89 3.45
C LEU E 112 -24.85 5.00 4.41
N THR E 113 -26.14 5.05 4.68
CA THR E 113 -26.70 6.02 5.63
C THR E 113 -27.16 5.23 6.83
N VAL E 114 -26.62 5.54 8.01
CA VAL E 114 -27.03 4.89 9.24
C VAL E 114 -27.90 5.84 10.05
N LEU E 115 -29.15 5.42 10.30
CA LEU E 115 -30.13 6.22 11.02
C LEU E 115 -30.51 5.63 12.35
N GLU E 116 -30.77 6.51 13.32
CA GLU E 116 -31.24 6.15 14.67
C GLU E 116 -32.61 5.50 14.51
N ASP E 117 -33.49 6.13 13.68
CA ASP E 117 -34.85 5.64 13.39
C ASP E 117 -35.27 5.87 11.94
N LEU E 118 -35.99 4.90 11.37
CA LEU E 118 -36.49 4.92 10.00
C LEU E 118 -37.81 5.70 9.80
N LYS E 119 -38.36 6.27 10.89
CA LYS E 119 -39.61 7.03 10.92
C LYS E 119 -39.58 8.31 10.08
N ASN E 120 -38.40 8.94 9.98
CA ASN E 120 -38.19 10.20 9.26
C ASN E 120 -37.85 10.02 7.76
N VAL E 121 -37.82 8.77 7.28
CA VAL E 121 -37.53 8.45 5.89
C VAL E 121 -38.77 8.81 5.03
N PHE E 122 -38.56 9.65 4.01
CA PHE E 122 -39.61 10.12 3.12
C PHE E 122 -39.16 10.08 1.68
N PRO E 123 -40.00 9.60 0.76
CA PRO E 123 -39.60 9.64 -0.66
C PRO E 123 -39.85 11.05 -1.21
N PRO E 124 -39.23 11.43 -2.32
CA PRO E 124 -39.49 12.77 -2.86
C PRO E 124 -40.84 12.86 -3.56
N GLU E 125 -41.32 14.10 -3.68
CA GLU E 125 -42.46 14.47 -4.51
C GLU E 125 -41.76 15.09 -5.72
N VAL E 126 -42.21 14.74 -6.93
CA VAL E 126 -41.56 15.20 -8.14
C VAL E 126 -42.54 15.96 -9.02
N ALA E 127 -42.19 17.20 -9.38
CA ALA E 127 -43.01 18.05 -10.23
C ALA E 127 -42.19 18.66 -11.36
N VAL E 128 -42.82 18.80 -12.54
CA VAL E 128 -42.25 19.40 -13.73
C VAL E 128 -42.95 20.73 -14.02
N PHE E 129 -42.17 21.80 -14.23
CA PHE E 129 -42.66 23.13 -14.54
C PHE E 129 -42.33 23.43 -15.98
N GLU E 130 -43.38 23.62 -16.78
CA GLU E 130 -43.31 23.88 -18.24
C GLU E 130 -42.58 25.20 -18.59
N PRO E 131 -41.90 25.31 -19.75
CA PRO E 131 -41.17 26.55 -20.06
C PRO E 131 -42.00 27.83 -20.19
N SER E 132 -41.45 28.96 -19.70
CA SER E 132 -42.06 30.30 -19.80
C SER E 132 -42.20 30.69 -21.29
N GLU E 133 -43.43 31.11 -21.69
CA GLU E 133 -43.77 31.55 -23.05
C GLU E 133 -42.91 32.74 -23.46
N ALA E 134 -42.54 33.58 -22.46
CA ALA E 134 -41.68 34.74 -22.56
C ALA E 134 -40.29 34.33 -23.02
N GLU E 135 -39.72 33.30 -22.33
CA GLU E 135 -38.42 32.72 -22.63
C GLU E 135 -38.41 32.25 -24.08
N ILE E 136 -39.48 31.56 -24.52
CA ILE E 136 -39.65 31.08 -25.91
C ILE E 136 -39.63 32.27 -26.92
N SER E 137 -40.44 33.31 -26.64
CA SER E 137 -40.57 34.52 -27.47
C SER E 137 -39.27 35.36 -27.53
N HIS E 138 -38.45 35.31 -26.47
CA HIS E 138 -37.22 36.08 -26.35
C HIS E 138 -35.95 35.39 -26.86
N THR E 139 -35.74 34.12 -26.45
CA THR E 139 -34.55 33.34 -26.76
C THR E 139 -34.75 32.21 -27.78
N GLN E 140 -36.02 31.85 -28.09
CA GLN E 140 -36.33 30.74 -29.00
C GLN E 140 -35.75 29.39 -28.44
N LYS E 141 -35.71 29.33 -27.09
CA LYS E 141 -35.24 28.23 -26.28
C LYS E 141 -36.31 27.93 -25.22
N ALA E 142 -36.37 26.67 -24.77
CA ALA E 142 -37.37 26.22 -23.80
C ALA E 142 -36.75 25.48 -22.62
N THR E 143 -36.79 26.09 -21.43
CA THR E 143 -36.26 25.45 -20.23
C THR E 143 -37.37 24.85 -19.34
N LEU E 144 -37.35 23.51 -19.20
CA LEU E 144 -38.27 22.79 -18.30
C LEU E 144 -37.53 22.70 -16.97
N VAL E 145 -38.25 22.78 -15.86
CA VAL E 145 -37.66 22.68 -14.52
C VAL E 145 -38.30 21.54 -13.70
N CYS E 146 -37.47 20.64 -13.21
CA CYS E 146 -37.92 19.57 -12.35
C CYS E 146 -37.48 19.80 -10.92
N LEU E 147 -38.41 19.61 -9.99
CA LEU E 147 -38.17 19.77 -8.56
C LEU E 147 -38.51 18.48 -7.85
N ALA E 148 -37.59 17.98 -7.02
CA ALA E 148 -37.74 16.76 -6.21
C ALA E 148 -37.67 17.27 -4.78
N THR E 149 -38.79 17.25 -4.06
CA THR E 149 -38.86 17.87 -2.72
C THR E 149 -39.29 16.92 -1.59
N GLY E 150 -38.93 17.30 -0.37
CA GLY E 150 -39.27 16.58 0.85
C GLY E 150 -38.69 15.19 1.07
N PHE E 151 -37.56 14.86 0.42
CA PHE E 151 -37.00 13.52 0.62
C PHE E 151 -36.03 13.41 1.76
N TYR E 152 -36.01 12.25 2.41
CA TYR E 152 -35.07 11.95 3.49
C TYR E 152 -34.78 10.46 3.50
N PRO E 153 -33.50 10.06 3.56
CA PRO E 153 -32.30 10.91 3.62
C PRO E 153 -31.83 11.41 2.25
N ASP E 154 -30.74 12.20 2.25
CA ASP E 154 -30.10 12.80 1.08
C ASP E 154 -29.64 11.71 0.12
N HIS E 155 -29.54 12.07 -1.17
CA HIS E 155 -29.08 11.23 -2.27
C HIS E 155 -30.15 10.44 -2.99
N VAL E 156 -30.54 11.02 -4.11
CA VAL E 156 -31.51 10.54 -5.07
C VAL E 156 -30.81 10.68 -6.41
N GLU E 157 -31.31 10.04 -7.46
CA GLU E 157 -30.71 10.19 -8.77
C GLU E 157 -31.79 10.68 -9.71
N LEU E 158 -31.65 11.92 -10.16
CA LEU E 158 -32.56 12.56 -11.09
C LEU E 158 -32.10 12.35 -12.55
N SER E 159 -33.04 12.02 -13.42
CA SER E 159 -32.79 11.84 -14.85
C SER E 159 -33.95 12.38 -15.67
N TRP E 160 -33.63 12.76 -16.91
CA TRP E 160 -34.55 13.34 -17.88
C TRP E 160 -34.68 12.36 -19.05
N TRP E 161 -35.92 12.16 -19.50
CA TRP E 161 -36.22 11.21 -20.57
C TRP E 161 -37.07 11.89 -21.62
N VAL E 162 -36.59 11.86 -22.86
CA VAL E 162 -37.34 12.51 -23.95
C VAL E 162 -37.70 11.45 -24.97
N ASN E 163 -39.01 11.21 -25.12
CA ASN E 163 -39.56 10.19 -26.02
C ASN E 163 -38.96 8.82 -25.68
N GLY E 164 -38.96 8.48 -24.38
CA GLY E 164 -38.46 7.23 -23.83
C GLY E 164 -36.95 7.07 -23.75
N LYS E 165 -36.19 8.03 -24.28
CA LYS E 165 -34.73 7.95 -24.23
C LYS E 165 -34.13 8.97 -23.27
N GLU E 166 -33.19 8.51 -22.43
CA GLU E 166 -32.48 9.34 -21.45
C GLU E 166 -31.65 10.40 -22.19
N VAL E 167 -31.76 11.65 -21.74
CA VAL E 167 -31.04 12.76 -22.34
C VAL E 167 -30.01 13.35 -21.36
N HIS E 168 -28.81 13.69 -21.84
CA HIS E 168 -27.77 14.28 -20.99
C HIS E 168 -27.40 15.67 -21.48
N SER E 169 -27.69 15.93 -22.75
CA SER E 169 -27.45 17.20 -23.42
C SER E 169 -28.59 18.16 -23.08
N GLY E 170 -28.24 19.39 -22.77
CA GLY E 170 -29.20 20.42 -22.38
C GLY E 170 -29.70 20.27 -20.95
N VAL E 171 -29.09 19.34 -20.17
CA VAL E 171 -29.46 19.04 -18.78
C VAL E 171 -28.39 19.54 -17.81
N CYS E 172 -28.84 19.99 -16.63
CA CYS E 172 -28.02 20.30 -15.47
C CYS E 172 -28.85 20.19 -14.21
N THR E 173 -28.32 19.46 -13.23
CA THR E 173 -28.93 19.17 -11.95
C THR E 173 -27.99 19.65 -10.86
N ASP E 174 -28.56 20.16 -9.75
CA ASP E 174 -27.77 20.62 -8.62
C ASP E 174 -26.83 19.50 -8.16
N PRO E 175 -25.52 19.79 -7.99
CA PRO E 175 -24.60 18.74 -7.55
C PRO E 175 -24.95 18.27 -6.14
N GLN E 176 -25.45 19.18 -5.29
CA GLN E 176 -25.86 18.88 -3.92
C GLN E 176 -27.27 19.41 -3.63
N PRO E 177 -28.10 18.67 -2.86
CA PRO E 177 -29.46 19.15 -2.57
C PRO E 177 -29.47 20.21 -1.46
N LEU E 178 -30.60 20.93 -1.33
CA LEU E 178 -30.74 21.89 -0.25
C LEU E 178 -31.70 21.40 0.81
N LYS E 179 -31.50 21.87 2.06
CA LYS E 179 -32.35 21.51 3.20
C LYS E 179 -33.61 22.35 3.19
N GLU E 180 -34.75 21.74 3.53
CA GLU E 180 -36.04 22.42 3.56
C GLU E 180 -36.19 23.25 4.85
N GLN E 181 -35.85 22.64 6.01
CA GLN E 181 -35.82 23.28 7.33
C GLN E 181 -34.34 23.22 7.79
N PRO E 182 -33.43 24.10 7.28
CA PRO E 182 -31.98 23.98 7.63
C PRO E 182 -31.56 23.92 9.11
N ALA E 183 -32.43 24.35 10.04
CA ALA E 183 -32.18 24.30 11.49
C ALA E 183 -32.14 22.85 11.97
N LEU E 184 -33.20 22.07 11.63
CA LEU E 184 -33.40 20.65 11.94
C LEU E 184 -32.26 19.76 11.43
N ASN E 185 -31.90 18.72 12.20
CA ASN E 185 -30.85 17.78 11.80
C ASN E 185 -31.43 16.59 11.02
N ASP E 186 -32.73 16.34 11.19
CA ASP E 186 -33.53 15.31 10.52
C ASP E 186 -34.30 15.95 9.33
N SER E 187 -33.89 17.18 8.96
CA SER E 187 -34.47 17.98 7.88
C SER E 187 -34.52 17.24 6.57
N ARG E 188 -35.64 17.37 5.86
CA ARG E 188 -35.86 16.78 4.54
C ARG E 188 -35.15 17.64 3.48
N TYR E 189 -34.91 17.05 2.29
CA TYR E 189 -34.17 17.73 1.24
C TYR E 189 -34.98 18.08 0.02
N ALA E 190 -34.42 18.95 -0.82
CA ALA E 190 -35.00 19.38 -2.08
C ALA E 190 -33.88 19.42 -3.13
N LEU E 191 -34.18 19.01 -4.35
CA LEU E 191 -33.21 19.00 -5.44
C LEU E 191 -33.90 19.49 -6.69
N SER E 192 -33.20 20.27 -7.52
CA SER E 192 -33.75 20.77 -8.78
C SER E 192 -32.91 20.38 -9.96
N SER E 193 -33.50 20.47 -11.14
CA SER E 193 -32.83 20.18 -12.40
C SER E 193 -33.54 20.94 -13.48
N ARG E 194 -32.83 21.23 -14.57
CA ARG E 194 -33.37 21.96 -15.71
C ARG E 194 -33.01 21.19 -16.95
N LEU E 195 -33.92 21.15 -17.92
CA LEU E 195 -33.67 20.57 -19.24
C LEU E 195 -34.00 21.69 -20.24
N ARG E 196 -33.05 22.02 -21.13
CA ARG E 196 -33.26 23.08 -22.11
C ARG E 196 -33.28 22.55 -23.52
N VAL E 197 -34.33 22.86 -24.25
CA VAL E 197 -34.46 22.44 -25.65
C VAL E 197 -34.78 23.66 -26.53
N SER E 198 -34.76 23.49 -27.86
CA SER E 198 -35.12 24.56 -28.79
C SER E 198 -36.65 24.72 -28.76
N ALA E 199 -37.15 25.95 -28.95
CA ALA E 199 -38.60 26.22 -28.97
C ALA E 199 -39.32 25.31 -29.98
N THR E 200 -38.70 25.08 -31.17
CA THR E 200 -39.22 24.18 -32.21
C THR E 200 -39.48 22.78 -31.62
N PHE E 201 -38.48 22.22 -30.91
CA PHE E 201 -38.52 20.90 -30.26
C PHE E 201 -39.63 20.80 -29.23
N TRP E 202 -39.73 21.80 -28.32
CA TRP E 202 -40.76 21.86 -27.29
C TRP E 202 -42.16 22.04 -27.89
N GLN E 203 -42.27 22.80 -28.98
CA GLN E 203 -43.54 23.08 -29.63
C GLN E 203 -44.15 21.91 -30.41
N ASN E 204 -43.34 20.89 -30.75
CA ASN E 204 -43.77 19.68 -31.46
C ASN E 204 -44.58 18.81 -30.47
N PRO E 205 -45.90 18.65 -30.67
CA PRO E 205 -46.72 17.90 -29.69
C PRO E 205 -46.55 16.39 -29.69
N ARG E 206 -45.69 15.87 -30.56
CA ARG E 206 -45.37 14.45 -30.65
C ARG E 206 -44.09 14.15 -29.82
N ASN E 207 -43.66 15.15 -29.01
CA ASN E 207 -42.49 15.10 -28.13
C ASN E 207 -42.92 15.01 -26.66
N HIS E 208 -42.50 13.91 -26.00
CA HIS E 208 -42.81 13.64 -24.60
C HIS E 208 -41.60 13.95 -23.73
N PHE E 209 -41.85 14.69 -22.65
CA PHE E 209 -40.80 15.03 -21.69
C PHE E 209 -41.09 14.39 -20.34
N ARG E 210 -40.09 13.72 -19.77
CA ARG E 210 -40.26 13.04 -18.50
C ARG E 210 -39.09 13.23 -17.57
N CYS E 211 -39.42 13.53 -16.34
CA CYS E 211 -38.43 13.61 -15.30
C CYS E 211 -38.61 12.49 -14.25
N GLN E 212 -37.54 11.71 -14.02
CA GLN E 212 -37.46 10.56 -13.10
C GLN E 212 -36.56 10.80 -11.92
N VAL E 213 -37.02 10.43 -10.71
CA VAL E 213 -36.19 10.51 -9.53
C VAL E 213 -36.11 9.15 -8.82
N GLN E 214 -34.93 8.55 -8.82
CA GLN E 214 -34.68 7.29 -8.13
C GLN E 214 -34.37 7.60 -6.68
N PHE E 215 -35.17 7.08 -5.77
CA PHE E 215 -34.96 7.29 -4.34
C PHE E 215 -34.51 6.01 -3.72
N TYR E 216 -33.57 6.11 -2.77
CA TYR E 216 -33.08 4.96 -2.05
C TYR E 216 -33.58 5.04 -0.65
N GLY E 217 -34.50 4.14 -0.32
CA GLY E 217 -35.12 4.14 1.00
C GLY E 217 -35.15 2.82 1.70
N LEU E 218 -36.30 2.51 2.28
CA LEU E 218 -36.53 1.30 3.04
C LEU E 218 -36.48 0.02 2.23
N SER E 219 -35.95 -1.00 2.87
CA SER E 219 -35.73 -2.30 2.28
C SER E 219 -36.91 -3.21 2.50
N GLU E 220 -36.86 -4.33 1.79
CA GLU E 220 -37.79 -5.45 1.75
C GLU E 220 -38.11 -5.99 3.15
N ASN E 221 -37.07 -6.18 3.98
CA ASN E 221 -37.17 -6.75 5.32
C ASN E 221 -37.24 -5.73 6.47
N ASP E 222 -37.32 -4.43 6.14
CA ASP E 222 -37.41 -3.37 7.15
C ASP E 222 -38.80 -3.32 7.80
N GLU E 223 -38.88 -2.79 9.03
CA GLU E 223 -40.11 -2.69 9.81
C GLU E 223 -40.83 -1.38 9.49
N TRP E 224 -42.16 -1.45 9.31
CA TRP E 224 -42.93 -0.24 9.04
C TRP E 224 -44.26 -0.27 9.77
N THR E 225 -44.46 0.67 10.72
CA THR E 225 -45.67 0.75 11.56
C THR E 225 -46.52 2.00 11.36
N GLN E 226 -46.10 2.96 10.52
CA GLN E 226 -46.89 4.18 10.30
C GLN E 226 -48.00 3.97 9.29
N ASP E 227 -49.01 4.89 9.29
CA ASP E 227 -50.15 4.85 8.38
C ASP E 227 -49.77 5.12 6.93
N ARG E 228 -48.84 6.08 6.68
CA ARG E 228 -48.34 6.41 5.33
C ARG E 228 -47.63 5.24 4.65
N ALA E 229 -47.58 5.25 3.30
CA ALA E 229 -46.94 4.19 2.51
C ALA E 229 -45.47 3.99 2.93
N LYS E 230 -45.02 2.73 3.01
CA LYS E 230 -43.65 2.41 3.38
C LYS E 230 -42.68 3.17 2.42
N PRO E 231 -41.76 4.02 2.94
CA PRO E 231 -40.85 4.77 2.06
C PRO E 231 -39.72 3.90 1.51
N VAL E 232 -40.10 2.92 0.69
CA VAL E 232 -39.18 1.97 0.07
C VAL E 232 -38.45 2.65 -1.07
N THR E 233 -37.43 1.96 -1.60
CA THR E 233 -36.67 2.35 -2.76
C THR E 233 -37.68 2.37 -3.90
N GLN E 234 -37.73 3.49 -4.61
CA GLN E 234 -38.71 3.69 -5.68
C GLN E 234 -38.30 4.79 -6.65
N ILE E 235 -38.93 4.78 -7.82
CA ILE E 235 -38.80 5.79 -8.85
C ILE E 235 -40.11 6.61 -8.80
N VAL E 236 -39.99 7.93 -8.54
CA VAL E 236 -41.07 8.92 -8.52
C VAL E 236 -40.83 9.78 -9.79
N SER E 237 -41.91 10.06 -10.54
CA SER E 237 -41.79 10.80 -11.80
C SER E 237 -42.89 11.81 -12.07
N ALA E 238 -42.60 12.75 -13.00
CA ALA E 238 -43.52 13.79 -13.50
C ALA E 238 -43.29 13.93 -15.00
N GLU E 239 -44.30 14.37 -15.71
CA GLU E 239 -44.19 14.43 -17.17
C GLU E 239 -44.74 15.72 -17.76
N ALA E 240 -44.40 15.94 -19.03
CA ALA E 240 -44.86 17.09 -19.80
C ALA E 240 -44.90 16.70 -21.26
N TRP E 241 -45.92 17.20 -21.96
CA TRP E 241 -46.08 16.99 -23.39
C TRP E 241 -45.82 18.28 -24.17
N GLY E 242 -45.46 18.13 -25.43
CA GLY E 242 -45.22 19.26 -26.32
C GLY E 242 -46.47 20.08 -26.60
N ARG E 243 -46.35 21.42 -26.43
CA ARG E 243 -47.44 22.39 -26.65
C ARG E 243 -47.12 23.26 -27.87
N ALA E 244 -48.01 23.27 -28.88
CA ALA E 244 -47.86 24.08 -30.11
C ALA E 244 -48.00 25.60 -29.83
N ASP E 245 -48.83 25.96 -28.82
CA ASP E 245 -49.15 27.31 -28.32
C ASP E 245 -49.27 28.48 -29.35
C1 NAG F . 3.80 -36.70 -13.05
C2 NAG F . 4.57 -37.69 -13.86
C3 NAG F . 3.71 -38.82 -14.25
C4 NAG F . 2.99 -39.43 -13.12
C5 NAG F . 2.53 -38.48 -11.97
C6 NAG F . 2.24 -39.27 -10.67
C7 NAG F . 4.73 -36.09 -15.94
C8 NAG F . 5.65 -35.52 -17.02
N2 NAG F . 5.29 -37.04 -14.99
O3 NAG F . 4.48 -39.79 -14.92
O4 NAG F . 1.89 -40.13 -13.67
O5 NAG F . 3.30 -37.29 -11.77
O6 NAG F . 3.29 -39.62 -9.85
O7 NAG F . 3.57 -35.73 -15.88
C1 NAG G . 11.38 -31.85 15.13
C2 NAG G . 11.22 -32.86 14.04
C3 NAG G . 9.81 -32.95 13.62
C4 NAG G . 8.92 -33.27 14.75
C5 NAG G . 9.09 -32.34 15.98
C6 NAG G . 8.43 -32.99 17.22
C7 NAG G . 13.24 -32.91 12.46
C8 NAG G . 13.77 -34.23 13.02
N2 NAG G . 12.02 -32.30 12.94
O3 NAG G . 9.75 -33.92 12.60
O4 NAG G . 7.56 -33.41 14.32
O5 NAG G . 10.44 -32.01 16.29
O6 NAG G . 9.17 -33.97 17.86
O7 NAG G . 13.83 -32.35 11.58
S SO4 H . 41.33 -13.34 31.13
O1 SO4 H . 40.53 -12.17 31.52
O2 SO4 H . 42.15 -13.77 32.26
O3 SO4 H . 42.18 -12.99 30.00
O4 SO4 H . 40.43 -14.43 30.73
CL CL I . 11.25 -0.56 13.01
S SO4 J . 13.46 -6.26 -24.29
O1 SO4 J . 14.21 -7.10 -25.23
O2 SO4 J . 14.25 -6.08 -23.07
O3 SO4 J . 12.20 -6.92 -23.96
O4 SO4 J . 13.19 -4.95 -24.88
S SO4 K . 1.70 -29.83 9.86
O1 SO4 K . 3.08 -30.21 9.56
O2 SO4 K . 1.48 -29.94 11.31
O3 SO4 K . 0.76 -30.74 9.17
O4 SO4 K . 1.49 -28.45 9.42
MG MG L . 13.48 5.84 4.30
CL CL M . 1.70 6.39 -14.91
S SO4 N . -17.34 3.17 -19.12
O1 SO4 N . -16.91 1.77 -19.13
O2 SO4 N . -16.36 3.96 -18.37
O3 SO4 N . -17.42 3.66 -20.50
O4 SO4 N . -18.65 3.29 -18.49
#